data_8C9F
#
_entry.id   8C9F
#
_cell.length_a   127.040
_cell.length_b   127.040
_cell.length_c   163.380
_cell.angle_alpha   90.000
_cell.angle_beta   90.000
_cell.angle_gamma   120.000
#
_symmetry.space_group_name_H-M   'P 31 2 1'
#
loop_
_entity.id
_entity.type
_entity.pdbx_description
1 polymer 'Isoleucine--tRNA ligase'
2 non-polymer 'ZINC ION'
3 non-polymer "N-[ISOLEUCINYL]-N'-[ADENOSYL]-DIAMINOSUFONE"
4 non-polymer 'SULFATE ION'
5 non-polymer 'CHLORIDE ION'
6 non-polymer 'LITHIUM ION'
7 non-polymer 'SODIUM ION'
#
_entity_poly.entity_id   1
_entity_poly.type   'polypeptide(L)'
_entity_poly.pdbx_seq_one_letter_code
;MEYKDTLLMPKTEFPMRGNLPNREPKMQEQWAEMNIYEKVQKRTEGRPLFVLHDGPPYANGDIGMHHALNKILKDFIVRY
KSMSGFCAPYVPGWDTHGLPIETALTKNKKVNRKEMTVAEFRKLCEQYAWEQVNGQREQFKRLGVRGDWDNPYVTLQPQY
EAQQIKVFGDMAKKGYIYKGLKPVYWSPSSESALAEAEIEYYDKRSASIYVAFNVKDGKGVLEQDEKFIIWTTTPWTMPA
NQGIAVNPELQYSVVEADGAKYVVATELIETVAKEIEWADYKTLRTVKGSELERVVAEHPIYKRDSLVVLGDHVTTDAGT
GCVHTAPGHGEDDFIVGQKYGLEVLCPVDSKGHMTNEAPGFEGLFYDKANKPITDKLEEEGALLKLSFITHSYPHDWRTK
KPTIFRATAQWFASIKDFREDLLKAVEKTKWVPTWGETRLYNMVRDRGDWCISRQRAWGVPIPVFYAENEEPIITDETIE
HVSNLFREHGSNVWFEREAKDLLPEGFTHEGSPNGRFTKETDIMDVWFDSGSSHQAVLEEREDLQRPADLYLEGSDQYRG
WFNSSLSTSVAVTGEAPYKGVLSHGFALDGEGRKMSKSLGNVVIPEKVMKQLGADILRLWVASVDYQADVRVSDNILKQV
AEVYRKIRNTFRFLLGNLADFNPTTDAVAVEDLREVDRYMLVKLNKLIDKVKKSYDSYEFSSIYHAVHNFCTIDMSSFYL
DFAKDVLYIEAENNVERRSIQTVLYETLLSLTKLVSPILSHTADEVWVHIPNVTEESVQLVDMPEVQEIEGADQLVEKWD
AFMELRDEVLKALEQARNEKVIGKSLEAKLTLYPTADTKELLASISENVGQLFIVSDLEVAEGEAPAEAQKFSYASIVVS
KAEGEKCERCWVVSPTVGEDQDHPTLCTRCADVVKNHYVQQ
;
_entity_poly.pdbx_strand_id   A
#
# COMPACT_ATOMS: atom_id res chain seq x y z
N MET A 1 -5.89 -29.45 -47.91
CA MET A 1 -6.07 -30.44 -48.97
C MET A 1 -4.78 -30.66 -49.74
N GLU A 2 -4.72 -30.09 -50.95
CA GLU A 2 -3.59 -30.27 -51.85
C GLU A 2 -2.58 -29.12 -51.80
N TYR A 3 -3.00 -27.93 -51.37
CA TYR A 3 -2.11 -26.78 -51.38
C TYR A 3 -1.15 -26.75 -50.20
N LYS A 4 -1.42 -27.53 -49.14
CA LYS A 4 -0.63 -27.46 -47.92
C LYS A 4 -0.11 -28.84 -47.56
N ASP A 5 1.03 -28.85 -46.88
CA ASP A 5 1.75 -30.06 -46.49
C ASP A 5 2.16 -29.97 -45.02
N THR A 6 1.17 -29.70 -44.16
CA THR A 6 1.30 -29.46 -42.73
C THR A 6 2.44 -28.47 -42.46
N LEU A 7 3.25 -28.73 -41.43
CA LEU A 7 4.28 -27.79 -40.97
C LEU A 7 3.65 -26.46 -40.56
N LEU A 8 2.83 -26.56 -39.52
CA LEU A 8 2.13 -25.44 -38.91
C LEU A 8 2.32 -25.47 -37.40
N MET A 9 1.51 -24.72 -36.64
CA MET A 9 1.64 -24.70 -35.19
C MET A 9 0.78 -25.80 -34.56
N PRO A 10 1.39 -26.94 -34.21
CA PRO A 10 0.60 -28.07 -33.68
C PRO A 10 0.01 -27.82 -32.29
N LYS A 11 0.83 -27.41 -31.34
CA LYS A 11 0.43 -27.36 -29.93
C LYS A 11 -0.48 -26.15 -29.71
N THR A 12 -1.79 -26.40 -29.80
CA THR A 12 -2.79 -25.42 -29.39
C THR A 12 -3.45 -25.82 -28.07
N GLU A 13 -2.75 -26.62 -27.26
CA GLU A 13 -3.25 -26.97 -25.93
C GLU A 13 -3.36 -25.75 -25.03
N PHE A 14 -2.72 -24.64 -25.40
CA PHE A 14 -2.88 -23.36 -24.73
C PHE A 14 -3.70 -22.44 -25.63
N PRO A 15 -4.96 -22.17 -25.30
CA PRO A 15 -5.82 -21.42 -26.22
C PRO A 15 -5.38 -19.97 -26.38
N MET A 16 -5.74 -19.39 -27.53
CA MET A 16 -5.34 -18.02 -27.83
C MET A 16 -6.14 -17.02 -27.01
N ARG A 17 -7.46 -16.99 -27.18
CA ARG A 17 -8.29 -16.05 -26.43
C ARG A 17 -8.36 -16.47 -24.97
N GLY A 18 -7.91 -15.61 -24.07
CA GLY A 18 -7.83 -15.96 -22.67
C GLY A 18 -9.11 -15.78 -21.90
N ASN A 19 -9.83 -16.87 -21.66
CA ASN A 19 -11.03 -16.86 -20.85
C ASN A 19 -10.70 -17.22 -19.41
N LEU A 20 -9.84 -16.40 -18.81
CA LEU A 20 -9.44 -16.60 -17.42
C LEU A 20 -10.60 -16.64 -16.43
N PRO A 21 -11.63 -15.79 -16.51
CA PRO A 21 -12.69 -15.84 -15.49
C PRO A 21 -13.34 -17.20 -15.34
N ASN A 22 -13.51 -17.95 -16.42
CA ASN A 22 -14.09 -19.28 -16.36
C ASN A 22 -13.05 -20.38 -16.19
N ARG A 23 -11.77 -20.06 -16.27
CA ARG A 23 -10.69 -21.03 -16.19
C ARG A 23 -9.89 -20.95 -14.89
N GLU A 24 -9.62 -19.74 -14.41
CA GLU A 24 -8.86 -19.58 -13.18
C GLU A 24 -9.48 -20.26 -11.96
N PRO A 25 -10.80 -20.21 -11.72
CA PRO A 25 -11.34 -20.92 -10.55
C PRO A 25 -11.01 -22.40 -10.56
N LYS A 26 -11.02 -23.04 -11.73
CA LYS A 26 -10.59 -24.44 -11.81
C LYS A 26 -9.10 -24.58 -11.52
N MET A 27 -8.29 -23.59 -11.92
CA MET A 27 -6.87 -23.61 -11.60
C MET A 27 -6.66 -23.58 -10.09
N GLN A 28 -7.44 -22.79 -9.37
CA GLN A 28 -7.31 -22.73 -7.92
C GLN A 28 -7.82 -23.99 -7.25
N GLU A 29 -8.75 -24.71 -7.89
CA GLU A 29 -9.28 -25.94 -7.31
C GLU A 29 -8.18 -26.99 -7.15
N GLN A 30 -7.33 -27.14 -8.16
CA GLN A 30 -6.24 -28.10 -8.06
C GLN A 30 -5.17 -27.62 -7.08
N TRP A 31 -4.96 -26.31 -6.98
CA TRP A 31 -4.03 -25.77 -6.00
C TRP A 31 -4.45 -26.15 -4.58
N ALA A 32 -5.74 -26.04 -4.27
CA ALA A 32 -6.23 -26.42 -2.95
C ALA A 32 -6.14 -27.92 -2.73
N GLU A 33 -6.32 -28.72 -3.79
CA GLU A 33 -6.26 -30.17 -3.64
C GLU A 33 -4.87 -30.63 -3.24
N MET A 34 -3.83 -30.08 -3.87
CA MET A 34 -2.47 -30.50 -3.60
C MET A 34 -1.85 -29.81 -2.40
N ASN A 35 -2.52 -28.80 -1.83
CA ASN A 35 -2.00 -28.03 -0.70
C ASN A 35 -0.60 -27.48 -1.04
N ILE A 36 -0.58 -26.62 -2.06
CA ILE A 36 0.69 -26.16 -2.62
C ILE A 36 1.48 -25.33 -1.60
N TYR A 37 0.79 -24.56 -0.76
CA TYR A 37 1.49 -23.76 0.24
C TYR A 37 2.27 -24.64 1.21
N GLU A 38 1.68 -25.77 1.62
CA GLU A 38 2.40 -26.71 2.47
C GLU A 38 3.56 -27.35 1.72
N LYS A 39 3.41 -27.58 0.42
CA LYS A 39 4.47 -28.21 -0.36
C LYS A 39 5.70 -27.31 -0.46
N VAL A 40 5.49 -26.04 -0.82
CA VAL A 40 6.62 -25.12 -0.95
C VAL A 40 7.25 -24.85 0.41
N GLN A 41 6.43 -24.79 1.47
CA GLN A 41 6.98 -24.61 2.80
C GLN A 41 7.81 -25.82 3.23
N LYS A 42 7.32 -27.03 2.95
CA LYS A 42 8.08 -28.23 3.28
C LYS A 42 9.38 -28.30 2.49
N ARG A 43 9.34 -27.91 1.22
CA ARG A 43 10.53 -27.97 0.37
C ARG A 43 11.64 -27.07 0.89
N THR A 44 11.29 -25.95 1.52
CA THR A 44 12.25 -24.98 2.01
C THR A 44 12.32 -24.97 3.54
N GLU A 45 12.03 -26.10 4.19
CA GLU A 45 11.95 -26.14 5.64
C GLU A 45 13.32 -25.84 6.28
N GLY A 46 14.40 -26.19 5.60
CA GLY A 46 15.73 -25.90 6.13
C GLY A 46 16.36 -24.62 5.64
N ARG A 47 15.76 -23.99 4.64
CA ARG A 47 16.31 -22.75 4.09
C ARG A 47 16.08 -21.59 5.05
N PRO A 48 16.88 -20.53 4.95
CA PRO A 48 16.67 -19.36 5.82
C PRO A 48 15.30 -18.74 5.60
N LEU A 49 14.74 -18.21 6.69
CA LEU A 49 13.38 -17.71 6.68
C LEU A 49 13.32 -16.24 6.29
N PHE A 50 12.31 -15.88 5.50
CA PHE A 50 12.00 -14.50 5.17
C PHE A 50 10.55 -14.27 5.60
N VAL A 51 10.38 -13.57 6.72
CA VAL A 51 9.06 -13.42 7.33
C VAL A 51 8.45 -12.09 6.87
N LEU A 52 7.35 -12.18 6.13
CA LEU A 52 6.57 -11.01 5.72
C LEU A 52 5.29 -11.04 6.55
N HIS A 53 5.31 -10.35 7.68
CA HIS A 53 4.16 -10.32 8.56
C HIS A 53 3.00 -9.60 7.89
N ASP A 54 1.83 -10.23 7.88
CA ASP A 54 0.66 -9.70 7.18
C ASP A 54 -0.10 -8.76 8.11
N GLY A 55 -0.25 -7.50 7.69
CA GLY A 55 -1.04 -6.55 8.42
C GLY A 55 -2.51 -6.93 8.41
N PRO A 56 -3.12 -6.98 9.59
CA PRO A 56 -4.49 -7.49 9.69
C PRO A 56 -5.49 -6.49 9.15
N PRO A 57 -6.15 -6.81 8.02
CA PRO A 57 -7.21 -5.93 7.52
C PRO A 57 -8.44 -6.02 8.42
N TYR A 58 -9.22 -4.94 8.42
CA TYR A 58 -10.46 -4.91 9.18
C TYR A 58 -11.51 -5.80 8.52
N ALA A 59 -12.46 -6.27 9.33
CA ALA A 59 -13.58 -7.06 8.84
C ALA A 59 -14.84 -6.21 8.68
N ASN A 60 -14.68 -4.96 8.24
CA ASN A 60 -15.82 -4.06 8.11
C ASN A 60 -16.75 -4.44 6.98
N GLY A 61 -16.29 -5.25 6.03
CA GLY A 61 -17.15 -5.63 4.92
C GLY A 61 -16.36 -6.35 3.84
N ASP A 62 -16.90 -6.30 2.62
CA ASP A 62 -16.26 -6.95 1.48
C ASP A 62 -14.95 -6.25 1.13
N ILE A 63 -14.18 -6.90 0.25
CA ILE A 63 -12.87 -6.36 -0.12
C ILE A 63 -13.04 -5.27 -1.17
N GLY A 64 -12.03 -4.41 -1.26
CA GLY A 64 -11.94 -3.40 -2.29
C GLY A 64 -10.65 -3.55 -3.07
N MET A 65 -10.46 -2.64 -4.03
CA MET A 65 -9.25 -2.68 -4.85
C MET A 65 -8.00 -2.49 -3.99
N HIS A 66 -8.10 -1.65 -2.96
CA HIS A 66 -6.96 -1.44 -2.06
C HIS A 66 -6.59 -2.70 -1.30
N HIS A 67 -7.60 -3.48 -0.89
CA HIS A 67 -7.34 -4.76 -0.23
C HIS A 67 -6.55 -5.69 -1.15
N ALA A 68 -6.89 -5.71 -2.44
CA ALA A 68 -6.19 -6.57 -3.39
C ALA A 68 -4.74 -6.15 -3.55
N LEU A 69 -4.49 -4.84 -3.69
CA LEU A 69 -3.13 -4.37 -3.93
C LEU A 69 -2.21 -4.75 -2.77
N ASN A 70 -2.68 -4.60 -1.53
CA ASN A 70 -1.88 -4.98 -0.37
C ASN A 70 -1.55 -6.47 -0.38
N LYS A 71 -2.54 -7.31 -0.71
CA LYS A 71 -2.31 -8.75 -0.73
C LYS A 71 -1.46 -9.16 -1.94
N ILE A 72 -1.75 -8.60 -3.12
CA ILE A 72 -1.03 -8.99 -4.32
C ILE A 72 0.45 -8.63 -4.22
N LEU A 73 0.75 -7.42 -3.71
CA LEU A 73 2.14 -7.04 -3.52
C LEU A 73 2.84 -7.95 -2.52
N LYS A 74 2.13 -8.32 -1.45
CA LYS A 74 2.68 -9.32 -0.52
C LYS A 74 2.91 -10.64 -1.23
N ASP A 75 1.97 -11.04 -2.10
CA ASP A 75 2.11 -12.32 -2.80
C ASP A 75 3.32 -12.33 -3.71
N PHE A 76 3.61 -11.20 -4.36
CA PHE A 76 4.79 -11.11 -5.22
C PHE A 76 6.06 -11.42 -4.43
N ILE A 77 6.22 -10.79 -3.27
CA ILE A 77 7.45 -10.92 -2.50
C ILE A 77 7.58 -12.31 -1.90
N VAL A 78 6.49 -12.86 -1.37
CA VAL A 78 6.53 -14.17 -0.74
C VAL A 78 6.89 -15.25 -1.76
N ARG A 79 6.26 -15.19 -2.94
CA ARG A 79 6.52 -16.22 -3.96
C ARG A 79 7.96 -16.14 -4.46
N TYR A 80 8.48 -14.94 -4.67
CA TYR A 80 9.87 -14.83 -5.12
C TYR A 80 10.84 -15.36 -4.08
N LYS A 81 10.62 -15.03 -2.80
CA LYS A 81 11.50 -15.53 -1.75
C LYS A 81 11.42 -17.04 -1.60
N SER A 82 10.24 -17.61 -1.87
CA SER A 82 10.09 -19.06 -1.75
C SER A 82 11.01 -19.79 -2.73
N MET A 83 11.10 -19.29 -3.96
CA MET A 83 11.90 -19.92 -5.01
C MET A 83 13.22 -19.19 -5.25
N SER A 84 13.80 -18.60 -4.20
CA SER A 84 15.09 -17.92 -4.33
C SER A 84 15.99 -18.21 -3.13
N GLY A 85 15.86 -19.40 -2.54
CA GLY A 85 16.70 -19.79 -1.43
C GLY A 85 16.20 -19.39 -0.06
N PHE A 86 14.97 -18.91 0.05
CA PHE A 86 14.39 -18.51 1.32
C PHE A 86 13.13 -19.32 1.60
N CYS A 87 12.85 -19.50 2.89
CA CYS A 87 11.57 -20.06 3.34
C CYS A 87 10.64 -18.90 3.65
N ALA A 88 9.50 -18.85 2.96
CA ALA A 88 8.59 -17.70 3.02
C ALA A 88 7.25 -18.14 3.59
N PRO A 89 7.10 -18.12 4.91
CA PRO A 89 5.80 -18.42 5.51
C PRO A 89 4.91 -17.18 5.58
N TYR A 90 3.73 -17.25 4.98
CA TYR A 90 2.80 -16.13 4.95
C TYR A 90 1.46 -16.59 5.52
N VAL A 91 1.12 -16.08 6.69
CA VAL A 91 -0.14 -16.39 7.36
C VAL A 91 -1.02 -15.14 7.31
N PRO A 92 -2.20 -15.21 6.71
CA PRO A 92 -3.09 -14.04 6.69
C PRO A 92 -3.64 -13.75 8.08
N GLY A 93 -4.04 -12.49 8.27
CA GLY A 93 -4.64 -12.06 9.52
C GLY A 93 -5.89 -11.24 9.26
N TRP A 94 -6.56 -10.90 10.36
CA TRP A 94 -7.76 -10.07 10.31
C TRP A 94 -7.91 -9.35 11.65
N ASP A 95 -8.06 -8.03 11.58
CA ASP A 95 -8.34 -7.23 12.77
C ASP A 95 -9.85 -7.22 13.01
N THR A 96 -10.26 -7.62 14.21
CA THR A 96 -11.65 -7.98 14.47
C THR A 96 -12.37 -7.06 15.45
N HIS A 97 -11.64 -6.35 16.30
CA HIS A 97 -12.26 -5.52 17.32
C HIS A 97 -12.36 -4.08 16.86
N GLY A 98 -12.90 -3.23 17.73
CA GLY A 98 -12.91 -1.80 17.50
C GLY A 98 -14.17 -1.30 16.81
N LEU A 99 -14.15 0.01 16.56
CA LEU A 99 -15.27 0.66 15.89
C LEU A 99 -15.60 0.11 14.51
N PRO A 100 -14.63 -0.22 13.62
CA PRO A 100 -14.99 -0.67 12.27
C PRO A 100 -16.00 -1.81 12.22
N ILE A 101 -16.13 -2.56 13.31
CA ILE A 101 -17.13 -3.62 13.36
C ILE A 101 -18.42 -3.15 14.01
N GLU A 102 -18.33 -2.38 15.10
CA GLU A 102 -19.54 -1.89 15.76
C GLU A 102 -20.33 -0.96 14.86
N THR A 103 -19.65 -0.06 14.15
CA THR A 103 -20.34 0.87 13.26
C THR A 103 -20.92 0.15 12.05
N ALA A 104 -20.28 -0.93 11.59
CA ALA A 104 -20.84 -1.71 10.50
C ALA A 104 -22.17 -2.33 10.91
N LEU A 105 -22.23 -2.90 12.12
CA LEU A 105 -23.49 -3.48 12.59
C LEU A 105 -24.55 -2.40 12.85
N THR A 106 -24.14 -1.28 13.44
CA THR A 106 -25.10 -0.23 13.80
C THR A 106 -25.75 0.37 12.56
N LYS A 107 -24.96 0.60 11.50
CA LYS A 107 -25.47 1.28 10.32
C LYS A 107 -26.04 0.30 9.28
N ASN A 108 -25.28 -0.75 8.95
CA ASN A 108 -25.72 -1.65 7.88
C ASN A 108 -26.90 -2.51 8.31
N LYS A 109 -26.85 -3.06 9.53
CA LYS A 109 -27.87 -3.99 9.99
C LYS A 109 -28.92 -3.34 10.88
N LYS A 110 -28.78 -2.05 11.19
CA LYS A 110 -29.74 -1.30 12.01
C LYS A 110 -29.98 -1.99 13.35
N VAL A 111 -28.92 -2.09 14.14
CA VAL A 111 -28.99 -2.62 15.50
C VAL A 111 -28.48 -1.55 16.44
N ASN A 112 -29.17 -1.39 17.57
CA ASN A 112 -28.82 -0.39 18.57
C ASN A 112 -28.09 -1.08 19.72
N ARG A 113 -26.85 -0.65 19.98
CA ARG A 113 -26.06 -1.26 21.03
C ARG A 113 -26.66 -0.99 22.42
N LYS A 114 -27.51 0.03 22.56
CA LYS A 114 -28.13 0.33 23.84
C LYS A 114 -29.47 -0.37 24.02
N GLU A 115 -29.97 -1.08 23.02
CA GLU A 115 -31.18 -1.88 23.14
C GLU A 115 -30.91 -3.32 23.56
N MET A 116 -29.65 -3.68 23.78
CA MET A 116 -29.29 -5.04 24.14
C MET A 116 -28.16 -4.98 25.16
N THR A 117 -27.93 -6.11 25.81
CA THR A 117 -26.88 -6.18 26.81
C THR A 117 -25.51 -6.15 26.13
N VAL A 118 -24.48 -5.83 26.92
CA VAL A 118 -23.12 -5.72 26.41
C VAL A 118 -22.65 -7.07 25.88
N ALA A 119 -22.97 -8.15 26.61
CA ALA A 119 -22.60 -9.49 26.16
C ALA A 119 -23.29 -9.84 24.85
N GLU A 120 -24.57 -9.49 24.72
CA GLU A 120 -25.31 -9.79 23.49
C GLU A 120 -24.73 -9.04 22.30
N PHE A 121 -24.43 -7.75 22.48
CA PHE A 121 -23.89 -6.97 21.36
C PHE A 121 -22.52 -7.47 20.95
N ARG A 122 -21.68 -7.87 21.91
CA ARG A 122 -20.38 -8.45 21.57
C ARG A 122 -20.54 -9.73 20.77
N LYS A 123 -21.53 -10.55 21.14
CA LYS A 123 -21.77 -11.79 20.41
C LYS A 123 -22.15 -11.52 18.96
N LEU A 124 -23.00 -10.51 18.75
CA LEU A 124 -23.35 -10.13 17.38
C LEU A 124 -22.14 -9.62 16.61
N CYS A 125 -21.26 -8.87 17.28
CA CYS A 125 -20.02 -8.45 16.64
C CYS A 125 -19.18 -9.66 16.26
N GLU A 126 -19.09 -10.66 17.15
CA GLU A 126 -18.33 -11.86 16.84
C GLU A 126 -18.92 -12.60 15.65
N GLN A 127 -20.25 -12.71 15.60
CA GLN A 127 -20.89 -13.40 14.48
C GLN A 127 -20.65 -12.66 13.16
N TYR A 128 -20.87 -11.34 13.15
CA TYR A 128 -20.62 -10.57 11.94
C TYR A 128 -19.16 -10.60 11.53
N ALA A 129 -18.26 -10.70 12.50
CA ALA A 129 -16.83 -10.75 12.20
C ALA A 129 -16.47 -12.01 11.42
N TRP A 130 -16.87 -13.18 11.94
CA TRP A 130 -16.54 -14.43 11.26
C TRP A 130 -17.23 -14.53 9.91
N GLU A 131 -18.39 -13.88 9.75
CA GLU A 131 -19.00 -13.78 8.43
C GLU A 131 -18.09 -13.04 7.45
N GLN A 132 -17.47 -11.95 7.90
CA GLN A 132 -16.65 -11.14 7.00
C GLN A 132 -15.29 -11.77 6.75
N VAL A 133 -14.68 -12.40 7.76
CA VAL A 133 -13.38 -13.03 7.54
C VAL A 133 -13.52 -14.22 6.60
N ASN A 134 -14.66 -14.91 6.61
CA ASN A 134 -14.88 -15.99 5.65
C ASN A 134 -15.10 -15.42 4.25
N GLY A 135 -15.88 -14.35 4.13
CA GLY A 135 -16.10 -13.74 2.83
C GLY A 135 -14.84 -13.14 2.25
N GLN A 136 -14.02 -12.49 3.10
CA GLN A 136 -12.80 -11.86 2.61
C GLN A 136 -11.77 -12.90 2.18
N ARG A 137 -11.65 -14.01 2.93
CA ARG A 137 -10.64 -14.99 2.60
C ARG A 137 -10.91 -15.66 1.25
N GLU A 138 -12.19 -15.89 0.93
CA GLU A 138 -12.54 -16.47 -0.37
C GLU A 138 -12.26 -15.47 -1.49
N GLN A 139 -12.54 -14.19 -1.25
CA GLN A 139 -12.26 -13.16 -2.25
C GLN A 139 -10.76 -13.04 -2.52
N PHE A 140 -9.95 -13.13 -1.47
CA PHE A 140 -8.49 -13.10 -1.65
C PHE A 140 -8.02 -14.27 -2.49
N LYS A 141 -8.57 -15.46 -2.25
CA LYS A 141 -8.18 -16.63 -3.03
C LYS A 141 -8.54 -16.46 -4.50
N ARG A 142 -9.68 -15.83 -4.79
CA ARG A 142 -10.09 -15.65 -6.18
C ARG A 142 -9.07 -14.80 -6.94
N LEU A 143 -8.59 -13.71 -6.32
CA LEU A 143 -7.50 -12.94 -6.93
C LEU A 143 -6.28 -13.82 -7.17
N GLY A 144 -6.04 -14.76 -6.26
CA GLY A 144 -4.89 -15.65 -6.34
C GLY A 144 -3.82 -15.20 -5.39
N VAL A 145 -3.80 -15.80 -4.19
CA VAL A 145 -2.84 -15.50 -3.14
C VAL A 145 -2.54 -16.79 -2.40
N ARG A 146 -1.27 -17.03 -2.11
CA ARG A 146 -0.84 -18.24 -1.44
C ARG A 146 -0.54 -17.94 0.03
N GLY A 147 -1.14 -18.70 0.93
CA GLY A 147 -0.93 -18.49 2.35
C GLY A 147 -1.62 -19.57 3.16
N ASP A 148 -1.51 -19.43 4.47
CA ASP A 148 -2.11 -20.39 5.41
C ASP A 148 -3.53 -19.95 5.74
N TRP A 149 -4.40 -20.10 4.73
CA TRP A 149 -5.78 -19.66 4.86
C TRP A 149 -6.56 -20.52 5.84
N ASP A 150 -6.27 -21.82 5.90
CA ASP A 150 -6.95 -22.70 6.84
C ASP A 150 -6.46 -22.52 8.27
N ASN A 151 -5.29 -21.91 8.46
CA ASN A 151 -4.76 -21.64 9.80
C ASN A 151 -4.30 -20.19 9.88
N PRO A 152 -5.25 -19.24 9.82
CA PRO A 152 -4.86 -17.83 9.96
C PRO A 152 -4.87 -17.40 11.41
N TYR A 153 -4.62 -16.11 11.66
CA TYR A 153 -4.73 -15.55 13.00
C TYR A 153 -5.75 -14.43 13.00
N VAL A 154 -6.57 -14.37 14.05
CA VAL A 154 -7.55 -13.30 14.23
C VAL A 154 -7.37 -12.73 15.63
N THR A 155 -7.82 -11.49 15.80
CA THR A 155 -7.64 -10.80 17.06
C THR A 155 -8.65 -11.21 18.13
N LEU A 156 -9.72 -11.91 17.76
CA LEU A 156 -10.68 -12.39 18.75
C LEU A 156 -10.29 -13.73 19.34
N GLN A 157 -9.30 -14.42 18.78
CA GLN A 157 -8.92 -15.73 19.28
C GLN A 157 -8.32 -15.60 20.68
N PRO A 158 -8.61 -16.54 21.58
CA PRO A 158 -8.10 -16.42 22.96
C PRO A 158 -6.59 -16.34 23.05
N GLN A 159 -5.86 -17.02 22.16
CA GLN A 159 -4.39 -16.90 22.18
C GLN A 159 -3.95 -15.48 21.88
N TYR A 160 -4.60 -14.83 20.91
CA TYR A 160 -4.25 -13.45 20.57
C TYR A 160 -4.56 -12.51 21.74
N GLU A 161 -5.73 -12.67 22.36
CA GLU A 161 -6.09 -11.83 23.49
C GLU A 161 -5.16 -12.08 24.69
N ALA A 162 -4.82 -13.34 24.94
CA ALA A 162 -3.95 -13.67 26.06
C ALA A 162 -2.58 -13.04 25.90
N GLN A 163 -2.00 -13.15 24.70
CA GLN A 163 -0.69 -12.57 24.45
C GLN A 163 -0.74 -11.05 24.47
N GLN A 164 -1.86 -10.46 24.03
CA GLN A 164 -2.01 -9.01 24.07
C GLN A 164 -1.97 -8.49 25.50
N ILE A 165 -2.58 -9.22 26.43
CA ILE A 165 -2.50 -8.84 27.84
C ILE A 165 -1.06 -8.89 28.33
N LYS A 166 -0.29 -9.87 27.85
CA LYS A 166 1.13 -9.94 28.21
C LYS A 166 1.88 -8.71 27.72
N VAL A 167 1.58 -8.23 26.51
CA VAL A 167 2.21 -7.03 25.99
C VAL A 167 1.90 -5.84 26.89
N PHE A 168 0.63 -5.69 27.29
CA PHE A 168 0.27 -4.64 28.23
C PHE A 168 0.97 -4.84 29.56
N GLY A 169 1.06 -6.08 30.04
CA GLY A 169 1.74 -6.34 31.30
C GLY A 169 3.22 -6.06 31.24
N ASP A 170 3.88 -6.44 30.14
CA ASP A 170 5.30 -6.19 30.00
C ASP A 170 5.59 -4.69 29.98
N MET A 171 4.76 -3.91 29.28
CA MET A 171 4.93 -2.47 29.28
C MET A 171 4.55 -1.85 30.62
N ALA A 172 3.60 -2.45 31.33
CA ALA A 172 3.17 -1.91 32.62
C ALA A 172 4.26 -2.07 33.68
N LYS A 173 4.87 -3.25 33.76
CA LYS A 173 5.93 -3.46 34.74
C LYS A 173 7.12 -2.56 34.47
N LYS A 174 7.36 -2.20 33.20
CA LYS A 174 8.39 -1.22 32.87
C LYS A 174 8.06 0.18 33.35
N GLY A 175 6.83 0.42 33.79
CA GLY A 175 6.40 1.75 34.18
C GLY A 175 5.91 2.62 33.06
N TYR A 176 5.64 2.06 31.89
CA TYR A 176 5.21 2.83 30.72
C TYR A 176 3.70 3.03 30.66
N ILE A 177 2.95 2.53 31.65
CA ILE A 177 1.50 2.65 31.67
C ILE A 177 1.09 3.46 32.88
N TYR A 178 0.25 4.47 32.66
CA TYR A 178 -0.25 5.31 33.75
C TYR A 178 -1.64 5.80 33.40
N LYS A 179 -2.35 6.29 34.41
CA LYS A 179 -3.70 6.81 34.27
C LYS A 179 -3.77 8.22 34.82
N GLY A 180 -4.43 9.12 34.09
CA GLY A 180 -4.55 10.49 34.54
C GLY A 180 -5.65 11.21 33.80
N LEU A 181 -6.04 12.36 34.36
CA LEU A 181 -7.04 13.23 33.75
C LEU A 181 -6.33 14.22 32.84
N LYS A 182 -6.47 14.04 31.54
CA LYS A 182 -5.80 14.85 30.54
C LYS A 182 -6.77 15.15 29.42
N PRO A 183 -6.61 16.30 28.74
CA PRO A 183 -7.42 16.57 27.55
C PRO A 183 -6.97 15.69 26.39
N VAL A 184 -7.94 15.07 25.71
CA VAL A 184 -7.68 14.15 24.61
C VAL A 184 -8.86 14.21 23.66
N TYR A 185 -8.68 13.62 22.47
CA TYR A 185 -9.77 13.54 21.50
C TYR A 185 -10.99 12.85 22.11
N TRP A 186 -12.16 13.42 21.87
CA TRP A 186 -13.42 12.79 22.28
C TRP A 186 -14.40 12.86 21.13
N SER A 187 -15.01 11.73 20.80
CA SER A 187 -16.01 11.67 19.75
C SER A 187 -17.39 11.58 20.40
N PRO A 188 -18.17 12.65 20.40
CA PRO A 188 -19.52 12.58 20.99
C PRO A 188 -20.41 11.57 20.28
N SER A 189 -20.23 11.38 18.97
CA SER A 189 -21.06 10.42 18.25
C SER A 189 -20.83 9.00 18.75
N SER A 190 -19.58 8.63 18.99
CA SER A 190 -19.26 7.30 19.51
C SER A 190 -19.17 7.24 21.03
N GLU A 191 -19.25 8.39 21.70
CA GLU A 191 -19.17 8.45 23.16
C GLU A 191 -17.92 7.75 23.69
N SER A 192 -16.79 8.01 23.04
CA SER A 192 -15.53 7.39 23.43
C SER A 192 -14.38 8.31 23.05
N ALA A 193 -13.25 8.10 23.70
CA ALA A 193 -12.03 8.81 23.36
C ALA A 193 -11.40 8.21 22.10
N LEU A 194 -10.44 8.93 21.53
CA LEU A 194 -9.82 8.52 20.28
C LEU A 194 -8.36 8.93 20.27
N ALA A 195 -7.66 8.54 19.21
CA ALA A 195 -6.26 8.91 18.98
C ALA A 195 -6.10 9.38 17.54
N GLU A 196 -4.90 9.85 17.22
CA GLU A 196 -4.66 10.42 15.90
C GLU A 196 -4.92 9.42 14.79
N ALA A 197 -4.63 8.13 15.02
CA ALA A 197 -4.91 7.12 14.02
C ALA A 197 -6.40 6.95 13.78
N GLU A 198 -7.24 7.33 14.75
CA GLU A 198 -8.69 7.23 14.63
C GLU A 198 -9.32 8.55 14.19
N ILE A 199 -8.52 9.50 13.71
CA ILE A 199 -8.97 10.84 13.37
C ILE A 199 -8.79 11.05 11.87
N GLU A 200 -9.87 11.48 11.21
CA GLU A 200 -9.82 11.90 9.81
C GLU A 200 -10.16 13.38 9.73
N TYR A 201 -9.37 14.14 8.98
CA TYR A 201 -9.52 15.58 8.89
C TYR A 201 -10.36 15.95 7.67
N TYR A 202 -11.37 16.79 7.89
CA TYR A 202 -12.19 17.34 6.82
C TYR A 202 -12.42 18.81 7.11
N ASP A 203 -12.64 19.59 6.05
CA ASP A 203 -12.91 21.01 6.20
C ASP A 203 -14.27 21.23 6.84
N LYS A 204 -14.32 22.16 7.78
CA LYS A 204 -15.54 22.45 8.53
C LYS A 204 -15.66 23.96 8.73
N ARG A 205 -16.88 24.47 8.64
CA ARG A 205 -17.13 25.89 8.85
C ARG A 205 -17.30 26.16 10.34
N SER A 206 -16.54 27.12 10.85
CA SER A 206 -16.61 27.51 12.26
C SER A 206 -16.68 29.03 12.35
N ALA A 207 -17.24 29.51 13.45
CA ALA A 207 -17.47 30.93 13.65
C ALA A 207 -16.28 31.56 14.37
N SER A 208 -15.65 32.53 13.73
CA SER A 208 -14.58 33.29 14.35
C SER A 208 -15.15 34.37 15.25
N ILE A 209 -14.56 34.53 16.43
CA ILE A 209 -15.03 35.45 17.46
C ILE A 209 -13.88 36.31 17.93
N TYR A 210 -14.12 37.61 18.02
CA TYR A 210 -13.24 38.52 18.74
C TYR A 210 -14.04 39.10 19.90
N VAL A 211 -13.61 38.79 21.13
CA VAL A 211 -14.39 39.07 22.32
C VAL A 211 -13.55 39.88 23.31
N ALA A 212 -14.23 40.63 24.15
CA ALA A 212 -13.59 41.51 25.13
C ALA A 212 -13.61 40.89 26.52
N PHE A 213 -12.51 41.07 27.25
CA PHE A 213 -12.38 40.65 28.63
C PHE A 213 -12.08 41.89 29.48
N ASN A 214 -13.02 42.25 30.35
CA ASN A 214 -12.84 43.44 31.18
C ASN A 214 -11.73 43.23 32.19
N VAL A 215 -11.06 44.32 32.55
CA VAL A 215 -9.96 44.31 33.51
C VAL A 215 -10.50 44.64 34.89
N LYS A 216 -10.19 43.79 35.87
CA LYS A 216 -10.61 43.99 37.25
C LYS A 216 -9.47 44.51 38.12
N ASP A 217 -8.35 43.79 38.15
CA ASP A 217 -7.17 44.15 38.94
C ASP A 217 -5.97 44.21 38.00
N GLY A 218 -5.65 45.41 37.51
CA GLY A 218 -4.56 45.58 36.59
C GLY A 218 -3.18 45.43 37.19
N LYS A 219 -3.09 45.25 38.51
CA LYS A 219 -1.80 45.12 39.20
C LYS A 219 -0.89 46.32 38.94
N GLY A 220 -1.49 47.50 38.82
CA GLY A 220 -0.72 48.70 38.54
C GLY A 220 -0.25 48.82 37.12
N VAL A 221 -0.73 47.97 36.22
CA VAL A 221 -0.31 47.98 34.82
C VAL A 221 -1.42 48.51 33.91
N LEU A 222 -2.68 48.14 34.18
CA LEU A 222 -3.80 48.51 33.34
C LEU A 222 -4.91 49.09 34.21
N GLU A 223 -5.69 49.98 33.62
CA GLU A 223 -6.88 50.53 34.26
C GLU A 223 -8.11 49.76 33.81
N GLN A 224 -9.21 49.97 34.53
CA GLN A 224 -10.43 49.22 34.27
C GLN A 224 -11.03 49.52 32.90
N ASP A 225 -10.71 50.67 32.32
CA ASP A 225 -11.23 51.00 30.99
C ASP A 225 -10.61 50.13 29.90
N GLU A 226 -9.47 49.50 30.18
CA GLU A 226 -8.87 48.58 29.22
C GLU A 226 -9.63 47.26 29.18
N LYS A 227 -9.55 46.58 28.04
CA LYS A 227 -10.19 45.28 27.85
C LYS A 227 -9.30 44.40 26.99
N PHE A 228 -9.22 43.12 27.37
CA PHE A 228 -8.47 42.14 26.60
C PHE A 228 -9.25 41.71 25.38
N ILE A 229 -8.52 41.35 24.32
CA ILE A 229 -9.10 40.83 23.09
C ILE A 229 -8.76 39.35 23.01
N ILE A 230 -9.75 38.53 22.67
CA ILE A 230 -9.60 37.09 22.59
C ILE A 230 -10.18 36.61 21.27
N TRP A 231 -9.45 35.77 20.56
CA TRP A 231 -9.93 35.17 19.32
C TRP A 231 -10.12 33.67 19.54
N THR A 232 -11.27 33.15 19.11
CA THR A 232 -11.59 31.75 19.29
C THR A 232 -12.52 31.28 18.19
N THR A 233 -12.23 30.09 17.65
CA THR A 233 -13.10 29.42 16.68
C THR A 233 -14.03 28.41 17.35
N THR A 234 -13.99 28.31 18.67
CA THR A 234 -14.81 27.36 19.42
C THR A 234 -15.58 28.13 20.49
N PRO A 235 -16.74 28.68 20.14
CA PRO A 235 -17.53 29.42 21.14
C PRO A 235 -17.93 28.59 22.34
N TRP A 236 -18.15 27.28 22.14
CA TRP A 236 -18.58 26.41 23.23
C TRP A 236 -17.52 26.25 24.31
N THR A 237 -16.27 26.63 24.03
CA THR A 237 -15.22 26.56 25.03
C THR A 237 -15.19 27.79 25.94
N MET A 238 -15.91 28.84 25.59
CA MET A 238 -15.95 30.03 26.45
C MET A 238 -16.49 29.76 27.84
N PRO A 239 -17.55 28.97 28.05
CA PRO A 239 -18.02 28.71 29.42
C PRO A 239 -16.99 28.04 30.31
N ALA A 240 -15.99 27.38 29.74
CA ALA A 240 -14.95 26.71 30.51
C ALA A 240 -13.72 27.56 30.72
N ASN A 241 -13.73 28.82 30.27
CA ASN A 241 -12.54 29.65 30.35
C ASN A 241 -12.16 29.92 31.80
N GLN A 242 -10.87 29.75 32.10
CA GLN A 242 -10.34 30.04 33.42
C GLN A 242 -9.17 31.00 33.40
N GLY A 243 -8.70 31.42 32.22
CA GLY A 243 -7.57 32.33 32.17
C GLY A 243 -7.32 32.82 30.76
N ILE A 244 -6.38 33.77 30.66
CA ILE A 244 -5.93 34.33 29.40
C ILE A 244 -4.43 34.13 29.30
N ALA A 245 -3.94 33.77 28.11
CA ALA A 245 -2.52 33.48 27.91
C ALA A 245 -1.90 34.52 26.99
N VAL A 246 -0.68 34.93 27.32
CA VAL A 246 0.08 35.89 26.54
C VAL A 246 1.55 35.57 26.67
N ASN A 247 2.32 35.88 25.63
CA ASN A 247 3.74 35.54 25.61
C ASN A 247 4.54 36.48 26.51
N PRO A 248 5.31 35.96 27.46
CA PRO A 248 5.97 36.82 28.44
C PRO A 248 7.06 37.74 27.87
N GLU A 249 8.03 37.19 27.16
CA GLU A 249 9.22 37.95 26.79
C GLU A 249 9.32 38.27 25.30
N LEU A 250 9.02 37.32 24.43
CA LEU A 250 9.24 37.54 22.99
C LEU A 250 8.31 38.62 22.45
N GLN A 251 7.05 38.63 22.89
CA GLN A 251 6.04 39.51 22.33
C GLN A 251 5.63 40.56 23.35
N TYR A 252 5.64 41.83 22.92
CA TYR A 252 5.20 42.94 23.74
C TYR A 252 3.89 43.48 23.18
N SER A 253 2.93 43.74 24.07
CA SER A 253 1.61 44.20 23.69
C SER A 253 1.48 45.71 23.88
N VAL A 254 0.51 46.29 23.17
CA VAL A 254 0.22 47.71 23.25
C VAL A 254 -1.27 47.92 23.39
N VAL A 255 -1.65 49.11 23.84
CA VAL A 255 -3.05 49.48 24.04
C VAL A 255 -3.50 50.32 22.86
N GLU A 256 -4.65 49.97 22.29
CA GLU A 256 -5.21 50.66 21.13
C GLU A 256 -6.60 51.17 21.45
N ALA A 257 -6.94 52.34 20.94
CA ALA A 257 -8.19 53.01 21.25
C ALA A 257 -9.03 53.18 19.98
N ASP A 258 -10.29 52.79 20.07
CA ASP A 258 -11.28 52.98 19.00
C ASP A 258 -12.59 53.44 19.61
N GLY A 259 -12.50 54.39 20.53
CA GLY A 259 -13.59 54.70 21.44
C GLY A 259 -13.50 53.98 22.77
N ALA A 260 -12.71 52.91 22.83
CA ALA A 260 -12.38 52.24 24.08
C ALA A 260 -11.00 51.63 23.92
N LYS A 261 -10.33 51.41 25.04
CA LYS A 261 -8.95 50.94 25.03
C LYS A 261 -8.92 49.42 25.11
N TYR A 262 -8.28 48.78 24.13
CA TYR A 262 -8.15 47.34 24.05
C TYR A 262 -6.70 46.92 24.20
N VAL A 263 -6.49 45.65 24.53
CA VAL A 263 -5.17 45.08 24.73
C VAL A 263 -4.93 44.00 23.68
N VAL A 264 -3.84 44.15 22.93
CA VAL A 264 -3.53 43.22 21.84
C VAL A 264 -2.03 43.29 21.60
N ALA A 265 -1.49 42.23 21.01
CA ALA A 265 -0.07 42.20 20.68
C ALA A 265 0.27 43.29 19.67
N THR A 266 1.46 43.88 19.82
CA THR A 266 1.85 45.00 18.97
C THR A 266 1.94 44.60 17.51
N GLU A 267 2.47 43.41 17.23
CA GLU A 267 2.63 42.96 15.86
C GLU A 267 1.30 42.64 15.19
N LEU A 268 0.20 42.61 15.94
CA LEU A 268 -1.11 42.27 15.41
C LEU A 268 -2.07 43.47 15.36
N ILE A 269 -1.53 44.69 15.40
CA ILE A 269 -2.39 45.88 15.36
C ILE A 269 -3.13 45.95 14.04
N GLU A 270 -2.40 45.82 12.93
CA GLU A 270 -3.05 45.94 11.61
C GLU A 270 -3.97 44.77 11.33
N THR A 271 -3.57 43.55 11.71
CA THR A 271 -4.39 42.38 11.45
C THR A 271 -5.70 42.44 12.25
N VAL A 272 -5.63 42.89 13.49
CA VAL A 272 -6.85 43.00 14.29
C VAL A 272 -7.69 44.20 13.88
N ALA A 273 -7.08 45.20 13.24
CA ALA A 273 -7.84 46.36 12.77
C ALA A 273 -8.72 46.00 11.58
N LYS A 274 -8.18 45.23 10.63
CA LYS A 274 -8.95 44.86 9.45
C LYS A 274 -10.01 43.81 9.76
N GLU A 275 -9.79 42.99 10.80
CA GLU A 275 -10.75 41.97 11.16
C GLU A 275 -11.97 42.57 11.87
N ILE A 276 -11.73 43.34 12.93
CA ILE A 276 -12.82 43.99 13.66
C ILE A 276 -13.33 45.24 12.94
N GLU A 277 -12.66 45.64 11.85
CA GLU A 277 -13.07 46.79 11.04
C GLU A 277 -13.05 48.08 11.85
N TRP A 278 -11.92 48.34 12.51
CA TRP A 278 -11.73 49.58 13.23
C TRP A 278 -11.59 50.75 12.25
N ALA A 279 -12.08 51.92 12.66
CA ALA A 279 -12.06 53.09 11.79
C ALA A 279 -10.80 53.93 12.01
N ASP A 280 -10.63 54.45 13.23
CA ASP A 280 -9.46 55.23 13.59
C ASP A 280 -8.94 54.71 14.93
N TYR A 281 -7.65 54.41 14.99
CA TYR A 281 -7.07 53.77 16.17
C TYR A 281 -5.69 54.37 16.44
N LYS A 282 -5.34 54.43 17.72
CA LYS A 282 -4.11 55.06 18.17
C LYS A 282 -3.51 54.23 19.29
N THR A 283 -2.17 54.15 19.34
CA THR A 283 -1.46 53.37 20.34
C THR A 283 -1.11 54.26 21.53
N LEU A 284 -1.48 53.81 22.74
CA LEU A 284 -1.23 54.59 23.94
C LEU A 284 0.18 54.34 24.48
N ARG A 285 0.48 53.10 24.84
CA ARG A 285 1.78 52.77 25.43
C ARG A 285 2.07 51.29 25.17
N THR A 286 3.32 50.90 25.46
CA THR A 286 3.78 49.54 25.24
C THR A 286 4.06 48.86 26.57
N VAL A 287 3.78 47.56 26.63
CA VAL A 287 4.01 46.75 27.83
C VAL A 287 4.64 45.44 27.42
N LYS A 288 5.75 45.08 28.06
CA LYS A 288 6.33 43.77 27.84
C LYS A 288 5.39 42.69 28.37
N GLY A 289 5.30 41.57 27.65
CA GLY A 289 4.31 40.56 27.97
C GLY A 289 4.45 40.00 29.37
N SER A 290 5.69 39.85 29.84
CA SER A 290 5.93 39.30 31.16
C SER A 290 5.38 40.20 32.26
N GLU A 291 5.33 41.51 32.01
CA GLU A 291 4.79 42.43 33.01
C GLU A 291 3.31 42.18 33.24
N LEU A 292 2.61 41.61 32.26
CA LEU A 292 1.18 41.35 32.35
C LEU A 292 0.85 40.08 33.14
N GLU A 293 1.84 39.48 33.79
CA GLU A 293 1.60 38.25 34.55
C GLU A 293 0.74 38.54 35.77
N ARG A 294 -0.10 37.57 36.12
CA ARG A 294 -0.98 37.59 37.29
C ARG A 294 -2.01 38.70 37.25
N VAL A 295 -2.24 39.31 36.08
CA VAL A 295 -3.30 40.31 35.96
C VAL A 295 -4.65 39.61 35.94
N VAL A 296 -5.58 40.08 36.77
CA VAL A 296 -6.89 39.46 36.91
C VAL A 296 -7.87 40.13 35.96
N ALA A 297 -8.64 39.31 35.25
CA ALA A 297 -9.67 39.78 34.33
C ALA A 297 -11.02 39.21 34.76
N GLU A 298 -12.05 39.51 33.98
CA GLU A 298 -13.42 39.10 34.27
C GLU A 298 -13.99 38.33 33.10
N HIS A 299 -14.75 37.28 33.41
CA HIS A 299 -15.41 36.51 32.38
C HIS A 299 -16.49 37.36 31.71
N PRO A 300 -16.58 37.37 30.37
CA PRO A 300 -17.56 38.24 29.71
C PRO A 300 -19.00 37.97 30.12
N ILE A 301 -19.36 36.71 30.36
CA ILE A 301 -20.74 36.33 30.65
C ILE A 301 -20.98 36.19 32.15
N TYR A 302 -20.14 35.43 32.84
CA TYR A 302 -20.36 35.14 34.25
C TYR A 302 -19.66 36.13 35.18
N LYS A 303 -18.81 37.01 34.66
CA LYS A 303 -18.07 37.97 35.49
C LYS A 303 -17.28 37.27 36.58
N ARG A 304 -16.78 36.08 36.30
CA ARG A 304 -15.94 35.36 37.23
C ARG A 304 -14.49 35.78 37.02
N ASP A 305 -13.60 35.27 37.87
CA ASP A 305 -12.18 35.60 37.77
C ASP A 305 -11.53 34.85 36.61
N SER A 306 -10.66 35.54 35.89
CA SER A 306 -9.89 34.95 34.81
C SER A 306 -8.47 35.49 34.89
N LEU A 307 -7.50 34.60 35.09
CA LEU A 307 -6.13 34.96 35.40
C LEU A 307 -5.27 34.96 34.14
N VAL A 308 -4.53 36.04 33.93
CA VAL A 308 -3.58 36.10 32.83
C VAL A 308 -2.35 35.30 33.19
N VAL A 309 -1.92 34.41 32.27
CA VAL A 309 -0.81 33.51 32.52
C VAL A 309 0.19 33.61 31.37
N LEU A 310 1.41 33.17 31.65
CA LEU A 310 2.49 33.18 30.68
C LEU A 310 2.68 31.79 30.09
N GLY A 311 2.90 31.74 28.78
CA GLY A 311 3.09 30.47 28.10
C GLY A 311 3.85 30.64 26.81
N ASP A 312 4.55 29.58 26.41
CA ASP A 312 5.25 29.57 25.13
C ASP A 312 4.37 29.18 23.97
N HIS A 313 3.13 28.74 24.22
CA HIS A 313 2.27 28.26 23.15
C HIS A 313 1.61 29.40 22.37
N VAL A 314 1.40 30.55 23.00
CA VAL A 314 0.78 31.68 22.32
C VAL A 314 1.72 32.18 21.22
N THR A 315 1.17 32.39 20.03
CA THR A 315 1.96 32.71 18.85
C THR A 315 1.43 33.97 18.18
N THR A 316 2.32 34.62 17.43
CA THR A 316 1.93 35.78 16.63
C THR A 316 0.91 35.40 15.56
N ASP A 317 0.99 34.17 15.03
CA ASP A 317 0.12 33.74 13.95
C ASP A 317 -1.36 33.75 14.32
N ALA A 318 -1.67 33.73 15.62
CA ALA A 318 -3.05 33.75 16.05
C ALA A 318 -3.69 35.12 15.74
N GLY A 319 -5.00 35.20 15.96
CA GLY A 319 -5.72 36.43 15.73
C GLY A 319 -5.44 37.51 16.76
N THR A 320 -4.97 37.13 17.94
CA THR A 320 -4.66 38.08 18.99
C THR A 320 -3.57 37.47 19.88
N GLY A 321 -2.69 38.34 20.40
CA GLY A 321 -1.66 37.89 21.32
C GLY A 321 -2.21 37.32 22.61
N CYS A 322 -3.50 37.48 22.88
CA CYS A 322 -4.15 36.92 24.04
C CYS A 322 -5.09 35.79 23.58
N VAL A 323 -4.93 34.62 24.18
CA VAL A 323 -5.73 33.45 23.85
C VAL A 323 -6.43 32.97 25.12
N HIS A 324 -7.74 32.79 25.05
CA HIS A 324 -8.49 32.31 26.21
C HIS A 324 -8.08 30.88 26.53
N THR A 325 -7.87 30.62 27.81
CA THR A 325 -7.35 29.34 28.28
C THR A 325 -8.48 28.55 28.91
N ALA A 326 -8.79 27.39 28.34
CA ALA A 326 -9.78 26.45 28.87
C ALA A 326 -9.06 25.14 29.14
N PRO A 327 -8.59 24.91 30.37
CA PRO A 327 -7.83 23.69 30.66
C PRO A 327 -8.60 22.40 30.40
N GLY A 328 -9.93 22.46 30.49
CA GLY A 328 -10.75 21.29 30.25
C GLY A 328 -11.04 20.98 28.79
N HIS A 329 -10.55 21.80 27.86
CA HIS A 329 -10.82 21.57 26.45
C HIS A 329 -9.58 21.74 25.56
N GLY A 330 -8.39 21.86 26.13
CA GLY A 330 -7.20 22.07 25.33
C GLY A 330 -5.97 21.47 25.96
N GLU A 331 -5.05 21.01 25.12
CA GLU A 331 -3.80 20.44 25.60
C GLU A 331 -2.90 21.51 26.19
N ASP A 332 -2.56 22.53 25.39
CA ASP A 332 -1.71 23.60 25.87
C ASP A 332 -2.38 24.37 27.01
N ASP A 333 -3.70 24.54 26.93
CA ASP A 333 -4.43 25.18 28.02
C ASP A 333 -4.33 24.38 29.31
N PHE A 334 -4.25 23.05 29.21
CA PHE A 334 -4.12 22.21 30.39
C PHE A 334 -2.74 22.35 31.01
N ILE A 335 -1.68 22.41 30.19
CA ILE A 335 -0.32 22.46 30.71
C ILE A 335 -0.10 23.75 31.49
N VAL A 336 -0.47 24.89 30.89
CA VAL A 336 -0.31 26.17 31.58
C VAL A 336 -1.28 26.26 32.76
N GLY A 337 -2.45 25.62 32.66
CA GLY A 337 -3.37 25.63 33.78
C GLY A 337 -2.83 24.91 35.00
N GLN A 338 -2.13 23.79 34.78
CA GLN A 338 -1.51 23.08 35.90
C GLN A 338 -0.33 23.84 36.46
N LYS A 339 0.39 24.58 35.62
CA LYS A 339 1.50 25.39 36.11
C LYS A 339 1.02 26.46 37.07
N TYR A 340 -0.10 27.12 36.75
CA TYR A 340 -0.68 28.15 37.59
C TYR A 340 -1.77 27.60 38.50
N GLY A 341 -1.97 26.28 38.52
CA GLY A 341 -2.99 25.68 39.36
C GLY A 341 -4.41 26.10 39.03
N LEU A 342 -4.69 26.34 37.75
CA LEU A 342 -6.04 26.74 37.35
C LEU A 342 -7.00 25.57 37.39
N GLU A 343 -8.24 25.84 37.77
CA GLU A 343 -9.25 24.80 37.85
C GLU A 343 -9.58 24.26 36.46
N VAL A 344 -9.74 22.94 36.37
CA VAL A 344 -10.09 22.29 35.12
C VAL A 344 -11.61 22.18 35.05
N LEU A 345 -12.21 22.82 34.05
CA LEU A 345 -13.65 22.84 33.88
C LEU A 345 -14.00 22.22 32.53
N CYS A 346 -14.88 21.23 32.54
CA CYS A 346 -15.33 20.54 31.33
C CYS A 346 -16.85 20.49 31.35
N PRO A 347 -17.53 21.58 30.98
CA PRO A 347 -18.99 21.63 31.09
C PRO A 347 -19.71 20.78 30.04
N VAL A 348 -18.97 19.96 29.30
CA VAL A 348 -19.54 19.14 28.24
C VAL A 348 -19.47 17.68 28.65
N ASP A 349 -20.59 16.97 28.48
CA ASP A 349 -20.66 15.57 28.86
C ASP A 349 -20.12 14.69 27.74
N SER A 350 -20.32 13.38 27.85
CA SER A 350 -19.80 12.45 26.85
C SER A 350 -20.55 12.56 25.53
N LYS A 351 -21.82 12.93 25.55
CA LYS A 351 -22.63 13.02 24.35
C LYS A 351 -22.52 14.38 23.67
N GLY A 352 -21.72 15.29 24.20
CA GLY A 352 -21.56 16.61 23.60
C GLY A 352 -22.51 17.67 24.09
N HIS A 353 -23.32 17.38 25.10
CA HIS A 353 -24.31 18.33 25.61
C HIS A 353 -23.79 19.00 26.87
N MET A 354 -23.96 20.32 26.95
CA MET A 354 -23.47 21.07 28.09
C MET A 354 -24.16 20.63 29.37
N THR A 355 -23.41 20.63 30.48
CA THR A 355 -23.90 20.21 31.78
C THR A 355 -24.10 21.42 32.68
N ASN A 356 -24.38 21.16 33.96
CA ASN A 356 -24.65 22.23 34.91
C ASN A 356 -23.46 23.17 35.09
N GLU A 357 -22.25 22.74 34.72
CA GLU A 357 -21.08 23.61 34.83
C GLU A 357 -21.22 24.86 33.96
N ALA A 358 -22.04 24.80 32.90
CA ALA A 358 -22.40 25.97 32.13
C ALA A 358 -23.82 26.37 32.50
N PRO A 359 -24.03 27.41 33.32
CA PRO A 359 -25.38 27.69 33.81
C PRO A 359 -26.38 28.04 32.71
N GLY A 360 -26.06 29.00 31.85
CA GLY A 360 -27.01 29.47 30.87
C GLY A 360 -27.16 28.66 29.61
N PHE A 361 -26.44 27.54 29.48
CA PHE A 361 -26.48 26.77 28.24
C PHE A 361 -26.57 25.28 28.51
N GLU A 362 -27.10 24.89 29.67
CA GLU A 362 -27.14 23.48 30.04
C GLU A 362 -28.04 22.69 29.10
N GLY A 363 -27.60 21.49 28.74
CA GLY A 363 -28.36 20.58 27.92
C GLY A 363 -28.20 20.78 26.42
N LEU A 364 -27.47 21.79 25.99
CA LEU A 364 -27.32 22.09 24.58
C LEU A 364 -26.12 21.36 23.99
N PHE A 365 -26.30 20.82 22.79
CA PHE A 365 -25.17 20.32 22.02
C PHE A 365 -24.19 21.46 21.78
N TYR A 366 -22.89 21.15 21.85
CA TYR A 366 -21.87 22.20 21.85
C TYR A 366 -21.94 23.04 20.58
N ASP A 367 -22.23 22.42 19.44
CA ASP A 367 -22.36 23.19 18.20
C ASP A 367 -23.66 23.99 18.17
N LYS A 368 -24.71 23.49 18.82
CA LYS A 368 -25.97 24.22 18.88
C LYS A 368 -25.93 25.36 19.90
N ALA A 369 -24.96 25.38 20.80
CA ALA A 369 -24.84 26.42 21.80
C ALA A 369 -23.94 27.58 21.36
N ASN A 370 -23.32 27.48 20.18
CA ASN A 370 -22.45 28.56 19.72
C ASN A 370 -23.23 29.86 19.51
N LYS A 371 -24.37 29.78 18.83
CA LYS A 371 -25.19 30.97 18.62
C LYS A 371 -25.71 31.56 19.93
N PRO A 372 -26.27 30.78 20.87
CA PRO A 372 -26.65 31.37 22.15
C PRO A 372 -25.50 32.01 22.92
N ILE A 373 -24.30 31.44 22.82
CA ILE A 373 -23.15 32.02 23.51
C ILE A 373 -22.80 33.38 22.91
N THR A 374 -22.78 33.49 21.58
CA THR A 374 -22.51 34.78 20.95
C THR A 374 -23.60 35.79 21.25
N ASP A 375 -24.86 35.35 21.28
CA ASP A 375 -25.96 36.25 21.61
C ASP A 375 -25.79 36.81 23.02
N LYS A 376 -25.42 35.97 23.97
CA LYS A 376 -25.18 36.45 25.33
C LYS A 376 -23.95 37.35 25.40
N LEU A 377 -22.92 37.05 24.59
CA LEU A 377 -21.75 37.92 24.55
C LEU A 377 -22.11 39.30 24.03
N GLU A 378 -22.95 39.38 22.99
CA GLU A 378 -23.37 40.67 22.46
C GLU A 378 -24.31 41.38 23.43
N GLU A 379 -25.14 40.64 24.16
CA GLU A 379 -25.95 41.25 25.21
C GLU A 379 -25.07 41.85 26.30
N GLU A 380 -23.99 41.16 26.67
CA GLU A 380 -23.02 41.70 27.61
C GLU A 380 -22.11 42.75 26.97
N GLY A 381 -22.13 42.87 25.65
CA GLY A 381 -21.32 43.86 24.96
C GLY A 381 -19.87 43.49 24.78
N ALA A 382 -19.45 42.30 25.20
CA ALA A 382 -18.05 41.89 25.08
C ALA A 382 -17.70 41.42 23.67
N LEU A 383 -18.67 41.16 22.81
CA LEU A 383 -18.39 40.73 21.45
C LEU A 383 -17.97 41.92 20.60
N LEU A 384 -16.81 41.79 19.95
CA LEU A 384 -16.32 42.82 19.04
C LEU A 384 -16.69 42.52 17.59
N LYS A 385 -16.26 41.37 17.07
CA LYS A 385 -16.49 41.01 15.68
C LYS A 385 -16.82 39.54 15.57
N LEU A 386 -17.77 39.22 14.69
CA LEU A 386 -18.16 37.84 14.40
C LEU A 386 -17.89 37.58 12.93
N SER A 387 -17.15 36.50 12.65
CA SER A 387 -16.82 36.12 11.28
C SER A 387 -17.00 34.60 11.15
N PHE A 388 -16.76 34.10 9.94
CA PHE A 388 -16.84 32.67 9.66
C PHE A 388 -15.63 32.24 8.84
N ILE A 389 -15.06 31.11 9.20
CA ILE A 389 -13.90 30.54 8.51
C ILE A 389 -14.16 29.06 8.26
N THR A 390 -13.45 28.52 7.27
CA THR A 390 -13.46 27.09 6.98
C THR A 390 -12.04 26.56 7.16
N HIS A 391 -11.90 25.50 7.95
CA HIS A 391 -10.60 24.93 8.23
CA HIS A 391 -10.60 24.94 8.28
C HIS A 391 -10.73 23.43 8.44
N SER A 392 -9.61 22.73 8.31
CA SER A 392 -9.61 21.29 8.52
C SER A 392 -9.87 20.99 9.98
N TYR A 393 -10.78 20.05 10.23
CA TYR A 393 -11.21 19.75 11.59
C TYR A 393 -11.17 18.25 11.83
N PRO A 394 -10.77 17.81 13.03
CA PRO A 394 -10.76 16.38 13.31
C PRO A 394 -12.16 15.79 13.31
N HIS A 395 -12.28 14.59 12.75
CA HIS A 395 -13.55 13.87 12.71
C HIS A 395 -13.32 12.41 13.08
N ASP A 396 -14.37 11.79 13.62
CA ASP A 396 -14.30 10.38 13.95
C ASP A 396 -14.11 9.55 12.68
N TRP A 397 -13.21 8.58 12.74
CA TRP A 397 -12.85 7.81 11.56
C TRP A 397 -13.97 6.90 11.07
N ARG A 398 -15.01 6.69 11.88
CA ARG A 398 -16.12 5.82 11.48
C ARG A 398 -17.43 6.57 11.33
N THR A 399 -17.81 7.38 12.32
CA THR A 399 -19.04 8.15 12.21
C THR A 399 -18.91 9.36 11.32
N LYS A 400 -17.68 9.76 10.96
CA LYS A 400 -17.41 10.93 10.13
C LYS A 400 -17.95 12.21 10.73
N LYS A 401 -18.15 12.24 12.05
CA LYS A 401 -18.67 13.41 12.74
C LYS A 401 -17.57 14.06 13.57
N PRO A 402 -17.64 15.38 13.78
CA PRO A 402 -16.50 16.09 14.40
C PRO A 402 -16.25 15.66 15.83
N THR A 403 -14.98 15.78 16.23
CA THR A 403 -14.54 15.45 17.57
C THR A 403 -14.15 16.72 18.31
N ILE A 404 -14.13 16.62 19.64
CA ILE A 404 -13.74 17.72 20.52
C ILE A 404 -12.76 17.20 21.56
N PHE A 405 -11.95 18.10 22.08
CA PHE A 405 -11.03 17.77 23.17
C PHE A 405 -11.75 17.85 24.51
N ARG A 406 -11.61 16.82 25.33
CA ARG A 406 -12.20 16.77 26.66
C ARG A 406 -11.18 16.27 27.65
N ALA A 407 -11.16 16.89 28.83
CA ALA A 407 -10.22 16.52 29.90
C ALA A 407 -10.91 15.46 30.76
N THR A 408 -10.58 14.20 30.52
CA THR A 408 -11.15 13.07 31.26
C THR A 408 -10.05 12.12 31.67
N ALA A 409 -10.36 11.28 32.66
CA ALA A 409 -9.41 10.30 33.17
C ALA A 409 -9.34 9.12 32.21
N GLN A 410 -8.18 8.91 31.60
CA GLN A 410 -7.97 7.84 30.63
C GLN A 410 -6.66 7.13 30.92
N TRP A 411 -6.49 5.96 30.32
CA TRP A 411 -5.24 5.22 30.39
C TRP A 411 -4.31 5.66 29.28
N PHE A 412 -3.04 5.84 29.61
CA PHE A 412 -2.05 6.34 28.67
C PHE A 412 -0.81 5.46 28.68
N ALA A 413 -0.15 5.39 27.53
CA ALA A 413 1.15 4.74 27.41
C ALA A 413 2.22 5.82 27.30
N SER A 414 3.18 5.80 28.22
CA SER A 414 4.17 6.86 28.35
C SER A 414 5.20 6.73 27.23
N ILE A 415 4.86 7.29 26.06
CA ILE A 415 5.79 7.31 24.95
C ILE A 415 7.04 8.09 25.31
N LYS A 416 6.88 9.19 26.06
CA LYS A 416 8.00 10.07 26.38
C LYS A 416 9.11 9.34 27.13
N ASP A 417 8.77 8.29 27.88
CA ASP A 417 9.77 7.60 28.69
C ASP A 417 10.72 6.77 27.86
N PHE A 418 10.33 6.37 26.64
CA PHE A 418 11.21 5.59 25.77
C PHE A 418 11.17 6.11 24.34
N ARG A 419 10.93 7.42 24.17
CA ARG A 419 10.91 8.00 22.84
C ARG A 419 12.28 7.88 22.16
N GLU A 420 13.36 8.00 22.94
CA GLU A 420 14.70 7.92 22.36
C GLU A 420 14.95 6.55 21.74
N ASP A 421 14.54 5.48 22.43
CA ASP A 421 14.70 4.14 21.87
C ASP A 421 13.82 3.95 20.64
N LEU A 422 12.66 4.61 20.60
CA LEU A 422 11.83 4.58 19.40
C LEU A 422 12.54 5.24 18.22
N LEU A 423 13.18 6.38 18.46
CA LEU A 423 13.89 7.07 17.38
C LEU A 423 15.07 6.24 16.89
N LYS A 424 15.77 5.56 17.80
CA LYS A 424 16.85 4.67 17.37
C LYS A 424 16.33 3.56 16.48
N ALA A 425 15.16 2.99 16.82
CA ALA A 425 14.60 1.91 16.02
C ALA A 425 14.26 2.38 14.61
N VAL A 426 13.69 3.59 14.48
CA VAL A 426 13.37 4.12 13.16
C VAL A 426 14.64 4.31 12.34
N GLU A 427 15.69 4.85 12.96
CA GLU A 427 16.94 5.06 12.24
C GLU A 427 17.57 3.75 11.80
N LYS A 428 17.37 2.67 12.57
CA LYS A 428 17.95 1.38 12.23
C LYS A 428 17.09 0.58 11.26
N THR A 429 15.85 1.03 10.98
CA THR A 429 14.95 0.33 10.07
C THR A 429 15.18 0.79 8.63
N LYS A 430 15.00 -0.14 7.70
CA LYS A 430 15.10 0.15 6.28
C LYS A 430 13.72 0.48 5.73
N TRP A 431 13.55 1.69 5.23
CA TRP A 431 12.25 2.19 4.79
C TRP A 431 12.27 2.34 3.27
N VAL A 432 11.33 1.68 2.61
CA VAL A 432 11.10 1.86 1.17
C VAL A 432 9.64 2.25 0.98
N PRO A 433 9.33 3.46 0.50
CA PRO A 433 10.23 4.53 0.04
C PRO A 433 11.04 5.18 1.16
N THR A 434 12.07 5.95 0.79
CA THR A 434 13.01 6.50 1.76
C THR A 434 12.35 7.51 2.70
N TRP A 435 11.37 8.27 2.21
CA TRP A 435 10.72 9.27 3.05
C TRP A 435 9.94 8.66 4.20
N GLY A 436 9.71 7.34 4.18
CA GLY A 436 8.98 6.71 5.26
C GLY A 436 9.71 6.82 6.59
N GLU A 437 11.04 6.85 6.56
CA GLU A 437 11.81 6.99 7.78
C GLU A 437 11.49 8.31 8.47
N THR A 438 11.60 9.42 7.72
CA THR A 438 11.28 10.73 8.28
C THR A 438 9.80 10.84 8.62
N ARG A 439 8.95 10.13 7.89
CA ARG A 439 7.51 10.18 8.15
C ARG A 439 7.21 9.69 9.56
N LEU A 440 7.77 8.54 9.95
CA LEU A 440 7.56 8.03 11.30
C LEU A 440 8.43 8.74 12.32
N TYR A 441 9.64 9.16 11.93
CA TYR A 441 10.54 9.85 12.86
C TYR A 441 9.89 11.11 13.40
N ASN A 442 9.36 11.95 12.50
CA ASN A 442 8.70 13.17 12.93
C ASN A 442 7.44 12.85 13.75
N MET A 443 6.73 11.78 13.36
CA MET A 443 5.56 11.37 14.12
C MET A 443 5.91 10.92 15.53
N VAL A 444 7.17 10.55 15.78
CA VAL A 444 7.59 10.11 17.11
C VAL A 444 8.08 11.27 17.96
N ARG A 445 8.92 12.15 17.40
CA ARG A 445 9.47 13.24 18.19
C ARG A 445 8.41 14.28 18.56
N ASP A 446 7.33 14.38 17.79
CA ASP A 446 6.27 15.34 18.07
C ASP A 446 5.07 14.71 18.77
N ARG A 447 5.02 13.39 18.87
CA ARG A 447 3.89 12.72 19.50
C ARG A 447 3.92 12.90 21.01
N GLY A 448 2.75 13.04 21.60
CA GLY A 448 2.59 12.99 23.04
C GLY A 448 2.40 11.56 23.51
N ASP A 449 1.76 11.43 24.67
CA ASP A 449 1.46 10.10 25.17
C ASP A 449 0.23 9.53 24.46
N TRP A 450 0.14 8.20 24.45
CA TRP A 450 -0.86 7.47 23.68
C TRP A 450 -2.02 7.12 24.60
N CYS A 451 -3.21 7.63 24.27
CA CYS A 451 -4.43 7.30 25.00
C CYS A 451 -4.96 5.97 24.49
N ILE A 452 -4.95 4.95 25.34
CA ILE A 452 -5.28 3.60 24.91
C ILE A 452 -6.68 3.14 25.33
N SER A 453 -7.29 3.80 26.30
CA SER A 453 -8.61 3.39 26.79
C SER A 453 -9.70 3.91 25.87
N ARG A 454 -10.66 3.04 25.57
CA ARG A 454 -11.82 3.39 24.76
C ARG A 454 -13.08 3.02 25.53
N GLN A 455 -14.05 3.94 25.57
CA GLN A 455 -15.29 3.70 26.29
C GLN A 455 -16.28 2.89 25.47
N ARG A 456 -15.84 1.74 24.94
CA ARG A 456 -16.72 0.86 24.18
C ARG A 456 -16.63 -0.56 24.73
N ALA A 457 -17.26 -1.52 24.04
CA ALA A 457 -17.34 -2.88 24.54
C ALA A 457 -16.62 -3.90 23.67
N TRP A 458 -16.78 -3.82 22.34
CA TRP A 458 -16.20 -4.83 21.45
C TRP A 458 -14.70 -4.66 21.35
N GLY A 459 -13.96 -5.39 22.17
CA GLY A 459 -12.52 -5.30 22.18
C GLY A 459 -11.95 -6.03 23.38
N VAL A 460 -10.66 -5.83 23.60
CA VAL A 460 -9.94 -6.46 24.70
C VAL A 460 -9.98 -5.50 25.89
N PRO A 461 -10.55 -5.89 27.03
CA PRO A 461 -10.60 -5.00 28.18
C PRO A 461 -9.22 -4.76 28.77
N ILE A 462 -9.07 -3.59 29.40
CA ILE A 462 -7.82 -3.24 30.08
C ILE A 462 -7.77 -4.02 31.39
N PRO A 463 -6.73 -4.82 31.62
CA PRO A 463 -6.65 -5.66 32.84
C PRO A 463 -6.13 -4.91 34.06
N VAL A 464 -7.01 -4.10 34.66
CA VAL A 464 -6.69 -3.33 35.85
C VAL A 464 -7.78 -3.54 36.89
N PHE A 465 -7.38 -3.73 38.13
CA PHE A 465 -8.30 -3.86 39.26
C PHE A 465 -8.05 -2.73 40.24
N TYR A 466 -9.08 -2.38 41.00
CA TYR A 466 -9.02 -1.31 41.98
C TYR A 466 -9.42 -1.84 43.34
N ALA A 467 -8.61 -1.53 44.36
CA ALA A 467 -8.92 -1.90 45.72
C ALA A 467 -9.85 -0.86 46.35
N GLU A 468 -10.15 -1.03 47.64
CA GLU A 468 -10.92 -0.02 48.36
C GLU A 468 -10.17 1.30 48.48
N ASN A 469 -8.85 1.27 48.34
CA ASN A 469 -8.05 2.48 48.23
C ASN A 469 -8.24 3.18 46.89
N GLU A 470 -8.94 2.55 45.95
CA GLU A 470 -9.08 3.06 44.58
C GLU A 470 -7.73 3.20 43.90
N GLU A 471 -6.79 2.34 44.26
CA GLU A 471 -5.44 2.31 43.69
C GLU A 471 -5.39 1.29 42.56
N PRO A 472 -4.94 1.66 41.37
CA PRO A 472 -4.86 0.69 40.27
C PRO A 472 -3.90 -0.44 40.61
N ILE A 473 -4.36 -1.67 40.45
CA ILE A 473 -3.60 -2.86 40.78
C ILE A 473 -3.12 -3.48 39.47
N ILE A 474 -1.86 -3.24 39.14
CA ILE A 474 -1.23 -3.86 37.98
C ILE A 474 0.05 -4.53 38.45
N THR A 475 0.12 -5.85 38.30
CA THR A 475 1.30 -6.60 38.72
C THR A 475 1.34 -7.90 37.93
N ASP A 476 2.52 -8.51 37.90
CA ASP A 476 2.74 -9.66 37.03
C ASP A 476 1.82 -10.82 37.37
N GLU A 477 1.52 -11.04 38.66
CA GLU A 477 0.65 -12.14 39.03
C GLU A 477 -0.77 -11.94 38.51
N THR A 478 -1.31 -10.72 38.64
CA THR A 478 -2.63 -10.44 38.09
C THR A 478 -2.62 -10.53 36.56
N ILE A 479 -1.58 -9.98 35.93
CA ILE A 479 -1.48 -10.02 34.47
C ILE A 479 -1.36 -11.47 34.00
N GLU A 480 -0.54 -12.28 34.70
CA GLU A 480 -0.41 -13.69 34.34
C GLU A 480 -1.74 -14.42 34.50
N HIS A 481 -2.47 -14.13 35.58
CA HIS A 481 -3.73 -14.82 35.83
C HIS A 481 -4.78 -14.49 34.78
N VAL A 482 -4.93 -13.20 34.46
CA VAL A 482 -5.94 -12.82 33.47
C VAL A 482 -5.52 -13.26 32.07
N SER A 483 -4.21 -13.31 31.79
CA SER A 483 -3.75 -13.75 30.48
C SER A 483 -4.11 -15.21 30.25
N ASN A 484 -3.82 -16.07 31.22
CA ASN A 484 -4.18 -17.48 31.09
C ASN A 484 -5.69 -17.65 31.04
N LEU A 485 -6.43 -16.88 31.85
CA LEU A 485 -7.88 -16.97 31.85
C LEU A 485 -8.45 -16.56 30.50
N PHE A 486 -7.88 -15.54 29.87
CA PHE A 486 -8.30 -15.17 28.53
C PHE A 486 -7.95 -16.25 27.50
N ARG A 487 -6.83 -16.96 27.70
CA ARG A 487 -6.46 -18.01 26.77
C ARG A 487 -7.44 -19.18 26.83
N GLU A 488 -8.07 -19.40 27.98
CA GLU A 488 -9.00 -20.50 28.17
C GLU A 488 -10.42 -20.17 27.73
N HIS A 489 -10.96 -19.04 28.21
CA HIS A 489 -12.35 -18.70 27.94
C HIS A 489 -12.52 -17.50 27.02
N GLY A 490 -11.47 -16.72 26.79
CA GLY A 490 -11.58 -15.54 25.95
C GLY A 490 -11.82 -14.28 26.76
N SER A 491 -11.83 -13.15 26.04
CA SER A 491 -12.08 -11.86 26.67
C SER A 491 -13.50 -11.76 27.22
N ASN A 492 -14.41 -12.63 26.77
CA ASN A 492 -15.79 -12.59 27.24
C ASN A 492 -15.89 -12.82 28.74
N VAL A 493 -14.89 -13.45 29.35
CA VAL A 493 -14.97 -13.77 30.78
C VAL A 493 -14.92 -12.51 31.63
N TRP A 494 -14.22 -11.46 31.16
CA TRP A 494 -14.15 -10.22 31.93
C TRP A 494 -15.51 -9.55 32.06
N PHE A 495 -16.35 -9.67 31.03
CA PHE A 495 -17.65 -9.02 31.02
C PHE A 495 -18.75 -9.86 31.65
N GLU A 496 -18.42 -11.07 32.16
CA GLU A 496 -19.42 -11.95 32.73
C GLU A 496 -19.02 -12.46 34.11
N ARG A 497 -18.05 -11.82 34.76
CA ARG A 497 -17.59 -12.26 36.07
C ARG A 497 -17.39 -11.06 36.98
N GLU A 498 -17.54 -11.31 38.28
CA GLU A 498 -17.24 -10.32 39.30
C GLU A 498 -15.73 -10.02 39.31
N ALA A 499 -15.36 -8.93 39.97
CA ALA A 499 -13.96 -8.54 40.05
C ALA A 499 -13.13 -9.59 40.78
N LYS A 500 -13.66 -10.13 41.88
CA LYS A 500 -12.89 -11.07 42.69
C LYS A 500 -12.69 -12.42 41.99
N ASP A 501 -13.51 -12.73 40.98
CA ASP A 501 -13.38 -13.99 40.26
C ASP A 501 -12.35 -13.92 39.13
N LEU A 502 -11.90 -12.73 38.75
CA LEU A 502 -10.87 -12.56 37.74
C LEU A 502 -9.47 -12.45 38.34
N LEU A 503 -9.37 -12.24 39.64
CA LEU A 503 -8.11 -12.08 40.34
C LEU A 503 -7.55 -13.44 40.72
N PRO A 504 -6.30 -13.50 41.19
CA PRO A 504 -5.78 -14.76 41.72
C PRO A 504 -6.63 -15.32 42.84
N GLU A 505 -6.45 -16.62 43.09
CA GLU A 505 -7.31 -17.34 44.01
C GLU A 505 -7.19 -16.83 45.45
N GLY A 506 -6.02 -16.33 45.83
CA GLY A 506 -5.84 -15.82 47.18
C GLY A 506 -5.18 -14.46 47.22
N PHE A 507 -5.45 -13.62 46.23
CA PHE A 507 -4.81 -12.32 46.15
C PHE A 507 -5.43 -11.34 47.15
N THR A 508 -4.58 -10.69 47.93
CA THR A 508 -4.99 -9.65 48.86
C THR A 508 -4.08 -8.45 48.70
N HIS A 509 -4.67 -7.25 48.75
CA HIS A 509 -3.93 -6.01 48.56
C HIS A 509 -4.03 -5.15 49.82
N GLU A 510 -2.98 -4.37 50.06
CA GLU A 510 -2.93 -3.52 51.24
C GLU A 510 -4.03 -2.46 51.22
N GLY A 511 -4.40 -1.98 50.03
CA GLY A 511 -5.36 -0.89 49.92
C GLY A 511 -6.78 -1.27 50.32
N SER A 512 -7.13 -2.56 50.27
CA SER A 512 -8.46 -3.03 50.62
C SER A 512 -8.35 -4.05 51.74
N PRO A 513 -8.48 -3.63 53.00
CA PRO A 513 -8.45 -4.59 54.10
C PRO A 513 -9.58 -5.60 54.07
N ASN A 514 -10.76 -5.22 53.56
CA ASN A 514 -11.91 -6.11 53.54
C ASN A 514 -11.91 -7.05 52.34
N GLY A 515 -10.95 -6.95 51.45
CA GLY A 515 -10.91 -7.82 50.28
C GLY A 515 -11.97 -7.51 49.24
N ARG A 516 -12.44 -6.26 49.18
CA ARG A 516 -13.46 -5.85 48.22
C ARG A 516 -12.78 -5.12 47.08
N PHE A 517 -12.66 -5.78 45.94
CA PHE A 517 -11.98 -5.23 44.77
C PHE A 517 -13.00 -4.94 43.67
N THR A 518 -12.61 -4.05 42.75
CA THR A 518 -13.44 -3.72 41.60
C THR A 518 -12.56 -3.66 40.35
N LYS A 519 -13.18 -3.83 39.19
CA LYS A 519 -12.49 -3.95 37.92
C LYS A 519 -12.75 -2.74 37.04
N GLU A 520 -11.95 -2.65 35.97
CA GLU A 520 -12.08 -1.59 34.97
C GLU A 520 -12.95 -2.06 33.82
N THR A 521 -13.75 -1.13 33.27
CA THR A 521 -14.67 -1.44 32.18
C THR A 521 -14.16 -1.01 30.80
N ASP A 522 -13.23 -0.06 30.75
CA ASP A 522 -12.74 0.42 29.46
C ASP A 522 -11.96 -0.66 28.73
N ILE A 523 -11.94 -0.55 27.40
CA ILE A 523 -11.24 -1.52 26.55
C ILE A 523 -10.05 -0.84 25.87
N MET A 524 -9.28 -1.62 25.12
CA MET A 524 -8.06 -1.13 24.50
C MET A 524 -8.34 -0.57 23.11
N ASP A 525 -7.39 0.23 22.63
CA ASP A 525 -7.44 0.73 21.26
C ASP A 525 -7.29 -0.42 20.28
N VAL A 526 -8.09 -0.38 19.20
CA VAL A 526 -7.99 -1.41 18.17
C VAL A 526 -6.63 -1.40 17.51
N TRP A 527 -5.96 -0.25 17.51
CA TRP A 527 -4.60 -0.18 16.97
C TRP A 527 -3.60 -0.85 17.90
N PHE A 528 -3.89 -0.90 19.20
CA PHE A 528 -3.07 -1.69 20.11
C PHE A 528 -3.26 -3.18 19.85
N ASP A 529 -4.47 -3.59 19.51
CA ASP A 529 -4.73 -4.99 19.16
C ASP A 529 -3.91 -5.40 17.95
N SER A 530 -3.89 -4.56 16.91
CA SER A 530 -3.05 -4.84 15.75
C SER A 530 -1.57 -4.64 16.07
N GLY A 531 -1.25 -3.72 16.98
CA GLY A 531 0.13 -3.48 17.36
C GLY A 531 0.76 -4.61 18.15
N SER A 532 -0.05 -5.44 18.79
CA SER A 532 0.42 -6.58 19.54
C SER A 532 0.61 -7.82 18.67
N SER A 533 0.56 -7.67 17.35
CA SER A 533 0.62 -8.83 16.46
C SER A 533 1.98 -9.52 16.54
N HIS A 534 3.06 -8.77 16.71
CA HIS A 534 4.40 -9.38 16.72
C HIS A 534 4.55 -10.35 17.88
N GLN A 535 4.03 -9.99 19.06
CA GLN A 535 4.14 -10.88 20.21
C GLN A 535 3.18 -12.06 20.12
N ALA A 536 1.99 -11.85 19.54
CA ALA A 536 0.96 -12.88 19.48
C ALA A 536 1.07 -13.76 18.23
N VAL A 537 1.83 -13.36 17.23
CA VAL A 537 1.94 -14.14 16.00
C VAL A 537 3.39 -14.47 15.69
N LEU A 538 4.23 -13.43 15.57
CA LEU A 538 5.62 -13.64 15.20
C LEU A 538 6.38 -14.41 16.28
N GLU A 539 5.98 -14.26 17.55
CA GLU A 539 6.66 -14.91 18.66
C GLU A 539 5.97 -16.20 19.10
N GLU A 540 4.64 -16.19 19.23
CA GLU A 540 3.94 -17.37 19.72
C GLU A 540 3.95 -18.50 18.70
N ARG A 541 3.65 -18.18 17.45
CA ARG A 541 3.59 -19.21 16.41
C ARG A 541 5.00 -19.69 16.06
N GLU A 542 5.13 -21.01 15.92
CA GLU A 542 6.43 -21.61 15.60
C GLU A 542 6.81 -21.37 14.15
N ASP A 543 5.83 -21.20 13.26
CA ASP A 543 6.11 -21.03 11.84
C ASP A 543 6.69 -19.66 11.50
N LEU A 544 6.72 -18.73 12.44
CA LEU A 544 7.24 -17.39 12.21
C LEU A 544 8.24 -17.03 13.30
N GLN A 545 8.93 -15.91 13.09
CA GLN A 545 9.93 -15.41 14.01
C GLN A 545 9.88 -13.90 14.04
N ARG A 546 10.43 -13.32 15.11
CA ARG A 546 10.47 -11.89 15.30
C ARG A 546 11.92 -11.44 15.46
N PRO A 547 12.35 -10.35 14.81
CA PRO A 547 11.57 -9.42 13.98
C PRO A 547 11.28 -9.97 12.60
N ALA A 548 10.17 -9.55 12.00
CA ALA A 548 9.85 -9.93 10.63
C ALA A 548 10.77 -9.21 9.66
N ASP A 549 10.90 -9.78 8.46
CA ASP A 549 11.79 -9.19 7.46
C ASP A 549 11.18 -7.94 6.84
N LEU A 550 9.87 -7.93 6.61
CA LEU A 550 9.25 -6.82 5.90
C LEU A 550 7.84 -6.58 6.43
N TYR A 551 7.45 -5.31 6.47
CA TYR A 551 6.08 -4.88 6.72
C TYR A 551 5.60 -4.12 5.49
N LEU A 552 4.56 -4.64 4.85
CA LEU A 552 4.04 -4.07 3.60
C LEU A 552 2.58 -3.68 3.79
N GLU A 553 2.34 -2.40 4.03
CA GLU A 553 0.99 -1.87 4.21
C GLU A 553 0.89 -0.53 3.50
N GLY A 554 -0.20 0.19 3.73
CA GLY A 554 -0.46 1.44 3.06
C GLY A 554 0.17 2.64 3.75
N SER A 555 -0.03 3.80 3.12
CA SER A 555 0.54 5.03 3.65
C SER A 555 -0.12 5.47 4.94
N ASP A 556 -1.42 5.20 5.09
CA ASP A 556 -2.11 5.56 6.32
C ASP A 556 -1.64 4.74 7.52
N GLN A 557 -0.86 3.68 7.30
CA GLN A 557 -0.38 2.85 8.39
C GLN A 557 0.87 3.40 9.06
N TYR A 558 1.45 4.48 8.54
CA TYR A 558 2.55 5.14 9.25
C TYR A 558 2.07 5.66 10.60
N ARG A 559 0.86 6.21 10.65
CA ARG A 559 0.22 6.56 11.92
C ARG A 559 -0.46 5.36 12.56
N GLY A 560 -0.59 4.25 11.85
CA GLY A 560 -1.32 3.10 12.34
C GLY A 560 -0.48 1.90 12.73
N TRP A 561 -0.47 0.88 11.87
CA TRP A 561 0.19 -0.37 12.23
C TRP A 561 1.69 -0.19 12.43
N PHE A 562 2.33 0.61 11.58
CA PHE A 562 3.76 0.84 11.74
C PHE A 562 4.06 1.49 13.08
N ASN A 563 3.27 2.50 13.47
CA ASN A 563 3.53 3.21 14.71
C ASN A 563 3.21 2.33 15.92
N SER A 564 2.05 1.68 15.92
CA SER A 564 1.62 0.92 17.09
C SER A 564 2.50 -0.31 17.31
N SER A 565 2.82 -1.03 16.24
CA SER A 565 3.67 -2.22 16.38
C SER A 565 5.05 -1.85 16.89
N LEU A 566 5.62 -0.75 16.37
CA LEU A 566 6.91 -0.30 16.87
C LEU A 566 6.82 0.16 18.31
N SER A 567 5.72 0.83 18.67
CA SER A 567 5.57 1.32 20.05
C SER A 567 5.54 0.18 21.05
N THR A 568 4.76 -0.87 20.75
CA THR A 568 4.66 -2.00 21.67
C THR A 568 5.96 -2.79 21.73
N SER A 569 6.60 -3.01 20.58
CA SER A 569 7.81 -3.81 20.54
C SER A 569 8.97 -3.12 21.25
N VAL A 570 9.22 -1.85 20.92
CA VAL A 570 10.34 -1.13 21.52
C VAL A 570 10.14 -0.96 23.02
N ALA A 571 8.89 -0.81 23.46
CA ALA A 571 8.62 -0.74 24.89
C ALA A 571 9.01 -2.04 25.58
N VAL A 572 8.74 -3.17 24.93
CA VAL A 572 9.05 -4.49 25.50
C VAL A 572 10.47 -4.90 25.13
N THR A 573 10.72 -5.07 23.83
CA THR A 573 12.01 -5.58 23.37
C THR A 573 13.08 -4.50 23.38
N GLY A 574 12.73 -3.28 22.98
CA GLY A 574 13.72 -2.26 22.70
C GLY A 574 14.17 -2.22 21.26
N GLU A 575 13.76 -3.18 20.44
CA GLU A 575 14.09 -3.25 19.03
C GLU A 575 12.81 -3.17 18.20
N ALA A 576 12.99 -2.97 16.90
CA ALA A 576 11.85 -2.90 16.00
C ALA A 576 11.29 -4.30 15.77
N PRO A 577 9.97 -4.42 15.58
CA PRO A 577 9.37 -5.71 15.23
C PRO A 577 9.56 -6.10 13.77
N TYR A 578 10.24 -5.26 12.99
CA TYR A 578 10.47 -5.52 11.58
C TYR A 578 11.87 -5.05 11.20
N LYS A 579 12.48 -5.74 10.24
CA LYS A 579 13.76 -5.33 9.69
C LYS A 579 13.62 -4.36 8.52
N GLY A 580 12.45 -4.29 7.90
CA GLY A 580 12.21 -3.37 6.80
C GLY A 580 10.74 -3.12 6.64
N VAL A 581 10.42 -2.02 5.96
CA VAL A 581 9.04 -1.60 5.72
C VAL A 581 8.90 -1.18 4.27
N LEU A 582 7.86 -1.69 3.61
CA LEU A 582 7.50 -1.27 2.26
C LEU A 582 6.09 -0.67 2.30
N SER A 583 5.91 0.45 1.60
CA SER A 583 4.67 1.21 1.66
C SER A 583 4.05 1.32 0.27
N HIS A 584 2.73 1.21 0.22
CA HIS A 584 1.98 1.42 -1.01
C HIS A 584 1.03 2.59 -0.83
N GLY A 585 0.69 3.24 -1.94
CA GLY A 585 -0.14 4.42 -1.92
C GLY A 585 -1.62 4.10 -1.87
N PHE A 586 -2.42 5.06 -2.33
CA PHE A 586 -3.87 4.93 -2.35
C PHE A 586 -4.36 4.67 -3.75
N ALA A 587 -5.31 3.74 -3.89
CA ALA A 587 -5.93 3.47 -5.17
C ALA A 587 -6.85 4.63 -5.56
N LEU A 588 -6.72 5.10 -6.80
CA LEU A 588 -7.42 6.29 -7.25
C LEU A 588 -8.09 6.04 -8.59
N ASP A 589 -9.09 6.88 -8.87
CA ASP A 589 -9.77 6.85 -10.16
C ASP A 589 -8.80 7.26 -11.27
N GLY A 590 -9.14 6.87 -12.51
CA GLY A 590 -8.32 7.19 -13.65
C GLY A 590 -8.08 8.67 -13.83
N GLU A 591 -8.96 9.51 -13.29
CA GLU A 591 -8.77 10.96 -13.28
C GLU A 591 -8.11 11.46 -12.00
N GLY A 592 -7.72 10.56 -11.09
CA GLY A 592 -7.07 10.94 -9.86
C GLY A 592 -7.97 11.11 -8.66
N ARG A 593 -9.28 10.95 -8.83
CA ARG A 593 -10.21 11.15 -7.74
C ARG A 593 -10.22 9.94 -6.80
N LYS A 594 -10.57 10.20 -5.54
CA LYS A 594 -10.73 9.13 -4.56
C LYS A 594 -11.86 8.20 -4.97
N MET A 595 -11.60 6.89 -4.88
CA MET A 595 -12.61 5.89 -5.22
C MET A 595 -13.66 5.86 -4.12
N SER A 596 -14.84 6.42 -4.41
CA SER A 596 -15.94 6.45 -3.47
C SER A 596 -17.25 6.24 -4.24
N LYS A 597 -18.26 5.73 -3.54
CA LYS A 597 -19.56 5.52 -4.16
C LYS A 597 -20.21 6.83 -4.59
N SER A 598 -19.85 7.94 -3.95
CA SER A 598 -20.42 9.23 -4.31
C SER A 598 -20.03 9.63 -5.73
N LEU A 599 -18.82 9.27 -6.17
CA LEU A 599 -18.37 9.61 -7.51
C LEU A 599 -18.68 8.55 -8.54
N GLY A 600 -19.17 7.39 -8.13
CA GLY A 600 -19.48 6.33 -9.08
C GLY A 600 -18.28 5.72 -9.76
N ASN A 601 -17.08 5.95 -9.23
CA ASN A 601 -15.84 5.46 -9.82
C ASN A 601 -15.33 4.20 -9.14
N VAL A 602 -16.15 3.54 -8.33
CA VAL A 602 -15.71 2.36 -7.61
C VAL A 602 -15.44 1.23 -8.59
N VAL A 603 -14.25 0.63 -8.49
CA VAL A 603 -13.90 -0.52 -9.30
C VAL A 603 -13.92 -1.75 -8.40
N ILE A 604 -15.04 -2.46 -8.39
CA ILE A 604 -15.17 -3.64 -7.51
C ILE A 604 -14.18 -4.71 -7.96
N PRO A 605 -13.43 -5.33 -7.05
CA PRO A 605 -12.52 -6.41 -7.48
C PRO A 605 -13.25 -7.58 -8.13
N GLU A 606 -14.31 -8.08 -7.50
CA GLU A 606 -15.08 -9.19 -8.07
C GLU A 606 -15.61 -8.83 -9.45
N LYS A 607 -15.93 -7.57 -9.69
CA LYS A 607 -16.36 -7.14 -11.02
C LYS A 607 -15.27 -7.40 -12.05
N VAL A 608 -14.05 -6.92 -11.78
CA VAL A 608 -12.94 -7.18 -12.70
C VAL A 608 -12.57 -8.65 -12.69
N MET A 609 -12.68 -9.32 -11.53
CA MET A 609 -12.33 -10.72 -11.44
C MET A 609 -13.16 -11.59 -12.39
N LYS A 610 -14.39 -11.17 -12.68
CA LYS A 610 -15.26 -11.93 -13.57
C LYS A 610 -15.32 -11.36 -14.98
N GLN A 611 -15.15 -10.06 -15.14
CA GLN A 611 -15.11 -9.47 -16.48
C GLN A 611 -13.78 -9.74 -17.17
N LEU A 612 -12.68 -9.64 -16.43
CA LEU A 612 -11.33 -9.77 -17.00
C LEU A 612 -10.58 -11.00 -16.48
N GLY A 613 -10.46 -11.13 -15.15
CA GLY A 613 -9.79 -12.27 -14.56
C GLY A 613 -8.93 -11.84 -13.40
N ALA A 614 -7.97 -12.69 -13.05
CA ALA A 614 -7.06 -12.43 -11.95
C ALA A 614 -5.71 -11.90 -12.43
N ASP A 615 -5.05 -12.65 -13.33
CA ASP A 615 -3.72 -12.27 -13.78
C ASP A 615 -3.70 -10.90 -14.47
N ILE A 616 -4.83 -10.47 -15.02
CA ILE A 616 -4.90 -9.12 -15.58
C ILE A 616 -4.75 -8.08 -14.47
N LEU A 617 -5.42 -8.30 -13.33
CA LEU A 617 -5.22 -7.44 -12.18
C LEU A 617 -3.81 -7.60 -11.62
N ARG A 618 -3.27 -8.82 -11.65
CA ARG A 618 -1.89 -9.03 -11.20
C ARG A 618 -0.91 -8.26 -12.06
N LEU A 619 -1.13 -8.24 -13.38
CA LEU A 619 -0.29 -7.43 -14.26
C LEU A 619 -0.43 -5.96 -13.96
N TRP A 620 -1.65 -5.49 -13.70
CA TRP A 620 -1.88 -4.08 -13.42
C TRP A 620 -1.16 -3.64 -12.15
N VAL A 621 -1.10 -4.51 -11.15
CA VAL A 621 -0.39 -4.18 -9.91
C VAL A 621 1.08 -3.94 -10.19
N ALA A 622 1.70 -4.79 -11.00
CA ALA A 622 3.10 -4.63 -11.35
C ALA A 622 3.34 -3.55 -12.39
N SER A 623 2.28 -2.98 -12.95
CA SER A 623 2.41 -1.95 -13.99
C SER A 623 2.40 -0.53 -13.44
N VAL A 624 2.32 -0.36 -12.11
CA VAL A 624 2.17 0.95 -11.50
C VAL A 624 3.22 1.12 -10.41
N ASP A 625 3.52 2.38 -10.11
CA ASP A 625 4.42 2.74 -9.01
C ASP A 625 3.59 2.70 -7.74
N TYR A 626 3.52 1.52 -7.13
CA TYR A 626 2.73 1.34 -5.91
C TYR A 626 3.23 2.22 -4.77
N GLN A 627 4.51 2.61 -4.79
CA GLN A 627 5.07 3.43 -3.73
C GLN A 627 4.42 4.81 -3.63
N ALA A 628 3.72 5.24 -4.66
CA ALA A 628 2.93 6.47 -4.65
C ALA A 628 1.47 6.13 -4.94
N ASP A 629 0.65 7.17 -5.08
CA ASP A 629 -0.75 6.96 -5.41
C ASP A 629 -0.88 6.34 -6.80
N VAL A 630 -1.81 5.40 -6.94
CA VAL A 630 -1.95 4.59 -8.14
C VAL A 630 -3.34 4.83 -8.73
N ARG A 631 -3.38 5.05 -10.04
CA ARG A 631 -4.63 5.31 -10.76
C ARG A 631 -5.16 4.03 -11.38
N VAL A 632 -6.46 3.80 -11.26
CA VAL A 632 -7.11 2.63 -11.84
C VAL A 632 -8.44 3.05 -12.46
N SER A 633 -8.75 2.47 -13.61
CA SER A 633 -10.03 2.67 -14.26
C SER A 633 -10.27 1.50 -15.21
N ASP A 634 -11.52 1.38 -15.68
CA ASP A 634 -11.85 0.30 -16.60
C ASP A 634 -11.05 0.40 -17.89
N ASN A 635 -10.88 1.62 -18.41
CA ASN A 635 -10.05 1.81 -19.60
C ASN A 635 -8.61 1.41 -19.36
N ILE A 636 -8.07 1.79 -18.19
CA ILE A 636 -6.69 1.43 -17.86
C ILE A 636 -6.55 -0.09 -17.76
N LEU A 637 -7.51 -0.74 -17.11
CA LEU A 637 -7.49 -2.20 -17.01
C LEU A 637 -7.58 -2.86 -18.38
N LYS A 638 -8.34 -2.26 -19.30
CA LYS A 638 -8.40 -2.78 -20.66
C LYS A 638 -7.05 -2.69 -21.35
N GLN A 639 -6.30 -1.62 -21.10
CA GLN A 639 -4.96 -1.51 -21.65
C GLN A 639 -4.05 -2.61 -21.12
N VAL A 640 -4.16 -2.91 -19.82
CA VAL A 640 -3.40 -4.02 -19.25
C VAL A 640 -3.87 -5.35 -19.85
N ALA A 641 -5.16 -5.48 -20.13
CA ALA A 641 -5.67 -6.68 -20.77
C ALA A 641 -5.07 -6.85 -22.17
N GLU A 642 -4.90 -5.75 -22.90
CA GLU A 642 -4.26 -5.81 -24.20
C GLU A 642 -2.82 -6.30 -24.07
N VAL A 643 -2.13 -5.90 -23.00
CA VAL A 643 -0.77 -6.37 -22.76
C VAL A 643 -0.76 -7.88 -22.54
N TYR A 644 -1.72 -8.39 -21.76
CA TYR A 644 -1.79 -9.83 -21.53
C TYR A 644 -2.02 -10.59 -22.83
N ARG A 645 -2.70 -9.97 -23.80
CA ARG A 645 -2.88 -10.60 -25.11
C ARG A 645 -1.53 -10.82 -25.79
N LYS A 646 -0.66 -9.82 -25.76
CA LYS A 646 0.67 -9.95 -26.36
C LYS A 646 1.47 -11.03 -25.64
N ILE A 647 1.41 -11.06 -24.31
CA ILE A 647 2.07 -12.11 -23.55
C ILE A 647 1.46 -13.46 -23.87
N ARG A 648 0.13 -13.48 -24.08
CA ARG A 648 -0.55 -14.73 -24.41
C ARG A 648 -0.11 -15.25 -25.78
N ASN A 649 -0.14 -14.38 -26.79
CA ASN A 649 0.20 -14.82 -28.15
C ASN A 649 1.66 -15.24 -28.24
N THR A 650 2.56 -14.48 -27.62
CA THR A 650 3.98 -14.83 -27.65
C THR A 650 4.24 -16.17 -26.97
N PHE A 651 3.57 -16.41 -25.84
CA PHE A 651 3.71 -17.69 -25.16
C PHE A 651 3.17 -18.83 -26.03
N ARG A 652 2.04 -18.60 -26.70
CA ARG A 652 1.48 -19.63 -27.57
C ARG A 652 2.40 -19.92 -28.75
N PHE A 653 3.04 -18.87 -29.29
CA PHE A 653 4.00 -19.08 -30.37
C PHE A 653 5.16 -19.96 -29.91
N LEU A 654 5.66 -19.73 -28.71
CA LEU A 654 6.73 -20.57 -28.17
C LEU A 654 6.25 -22.01 -27.99
N LEU A 655 5.05 -22.19 -27.46
CA LEU A 655 4.51 -23.53 -27.28
C LEU A 655 4.21 -24.21 -28.61
N GLY A 656 3.67 -23.46 -29.57
CA GLY A 656 3.34 -24.05 -30.86
C GLY A 656 4.57 -24.53 -31.61
N ASN A 657 5.61 -23.71 -31.67
CA ASN A 657 6.81 -24.07 -32.41
C ASN A 657 7.70 -25.04 -31.65
N LEU A 658 7.41 -25.33 -30.39
CA LEU A 658 8.15 -26.31 -29.60
C LEU A 658 7.42 -27.65 -29.51
N ALA A 659 6.36 -27.83 -30.29
CA ALA A 659 5.60 -29.07 -30.24
C ALA A 659 6.45 -30.26 -30.69
N ASP A 660 7.11 -30.13 -31.84
CA ASP A 660 7.96 -31.19 -32.38
C ASP A 660 9.39 -31.04 -31.87
N PHE A 661 9.54 -30.94 -30.55
CA PHE A 661 10.84 -30.74 -29.94
C PHE A 661 10.90 -31.49 -28.62
N ASN A 662 12.01 -32.19 -28.40
CA ASN A 662 12.23 -32.95 -27.16
C ASN A 662 13.66 -32.73 -26.72
N PRO A 663 13.90 -31.82 -25.77
CA PRO A 663 15.28 -31.46 -25.41
C PRO A 663 15.92 -32.44 -24.43
N THR A 664 15.35 -33.63 -24.27
CA THR A 664 15.95 -34.61 -23.37
C THR A 664 17.36 -34.97 -23.82
N THR A 665 17.54 -35.17 -25.13
CA THR A 665 18.87 -35.33 -25.71
C THR A 665 19.08 -34.50 -26.96
N ASP A 666 18.04 -33.89 -27.52
CA ASP A 666 18.16 -33.05 -28.71
C ASP A 666 18.48 -31.61 -28.33
N ALA A 667 19.53 -31.43 -27.53
CA ALA A 667 19.94 -30.12 -27.05
C ALA A 667 21.19 -29.69 -27.81
N VAL A 668 21.11 -28.56 -28.49
CA VAL A 668 22.24 -28.03 -29.24
C VAL A 668 23.20 -27.35 -28.29
N ALA A 669 24.48 -27.68 -28.41
CA ALA A 669 25.50 -27.11 -27.53
C ALA A 669 25.64 -25.61 -27.77
N VAL A 670 26.19 -24.91 -26.78
CA VAL A 670 26.29 -23.46 -26.85
C VAL A 670 27.17 -23.04 -28.02
N GLU A 671 28.29 -23.73 -28.23
CA GLU A 671 29.16 -23.41 -29.36
C GLU A 671 28.49 -23.80 -30.68
N ASP A 672 27.67 -24.84 -30.67
CA ASP A 672 26.99 -25.30 -31.87
C ASP A 672 25.80 -24.41 -32.24
N LEU A 673 25.37 -23.53 -31.36
CA LEU A 673 24.28 -22.62 -31.67
C LEU A 673 24.72 -21.60 -32.72
N ARG A 674 23.74 -21.11 -33.48
CA ARG A 674 24.01 -20.01 -34.40
C ARG A 674 24.40 -18.76 -33.61
N GLU A 675 25.26 -17.93 -34.22
CA GLU A 675 25.64 -16.69 -33.57
C GLU A 675 24.43 -15.77 -33.36
N VAL A 676 23.41 -15.90 -34.22
CA VAL A 676 22.17 -15.18 -33.99
C VAL A 676 21.47 -15.70 -32.74
N ASP A 677 21.47 -17.01 -32.54
CA ASP A 677 20.82 -17.60 -31.38
C ASP A 677 21.59 -17.30 -30.10
N ARG A 678 22.92 -17.27 -30.17
CA ARG A 678 23.73 -17.00 -28.98
C ARG A 678 23.44 -15.61 -28.42
N TYR A 679 23.21 -14.63 -29.30
CA TYR A 679 22.85 -13.29 -28.85
C TYR A 679 21.52 -13.30 -28.09
N MET A 680 20.54 -14.06 -28.59
CA MET A 680 19.28 -14.19 -27.87
C MET A 680 19.47 -14.84 -26.51
N LEU A 681 20.43 -15.76 -26.40
CA LEU A 681 20.73 -16.37 -25.10
C LEU A 681 21.26 -15.32 -24.13
N VAL A 682 22.13 -14.42 -24.61
CA VAL A 682 22.65 -13.35 -23.75
C VAL A 682 21.51 -12.45 -23.30
N LYS A 683 20.60 -12.11 -24.22
CA LYS A 683 19.47 -11.26 -23.87
C LYS A 683 18.57 -11.93 -22.84
N LEU A 684 18.34 -13.24 -22.99
CA LEU A 684 17.52 -13.96 -22.02
C LEU A 684 18.15 -13.93 -20.63
N ASN A 685 19.46 -14.16 -20.54
CA ASN A 685 20.14 -14.14 -19.25
C ASN A 685 20.15 -12.74 -18.66
N LYS A 686 20.31 -11.71 -19.50
CA LYS A 686 20.22 -10.34 -19.01
C LYS A 686 18.83 -10.04 -18.47
N LEU A 687 17.79 -10.52 -19.15
CA LEU A 687 16.43 -10.36 -18.64
C LEU A 687 16.26 -11.08 -17.31
N ILE A 688 16.85 -12.27 -17.18
CA ILE A 688 16.76 -13.02 -15.94
C ILE A 688 17.40 -12.25 -14.79
N ASP A 689 18.60 -11.71 -15.02
CA ASP A 689 19.29 -10.98 -13.96
C ASP A 689 18.55 -9.71 -13.58
N LYS A 690 18.00 -8.99 -14.57
CA LYS A 690 17.26 -7.77 -14.28
C LYS A 690 16.00 -8.06 -13.47
N VAL A 691 15.27 -9.10 -13.84
CA VAL A 691 14.02 -9.43 -13.15
C VAL A 691 14.30 -9.85 -11.71
N LYS A 692 15.31 -10.71 -11.51
CA LYS A 692 15.66 -11.13 -10.16
C LYS A 692 16.15 -9.96 -9.32
N LYS A 693 16.98 -9.09 -9.91
CA LYS A 693 17.43 -7.90 -9.20
C LYS A 693 16.26 -6.98 -8.88
N SER A 694 15.35 -6.79 -9.83
CA SER A 694 14.19 -5.94 -9.59
C SER A 694 13.27 -6.54 -8.53
N TYR A 695 13.21 -7.88 -8.44
CA TYR A 695 12.46 -8.52 -7.37
C TYR A 695 13.06 -8.19 -6.02
N ASP A 696 14.40 -8.19 -5.93
CA ASP A 696 15.07 -7.81 -4.69
C ASP A 696 14.83 -6.35 -4.34
N SER A 697 14.77 -5.48 -5.35
CA SER A 697 14.53 -4.06 -5.14
C SER A 697 13.05 -3.71 -5.18
N TYR A 698 12.18 -4.69 -5.41
CA TYR A 698 10.72 -4.54 -5.39
C TYR A 698 10.21 -3.62 -6.49
N GLU A 699 11.02 -3.35 -7.50
CA GLU A 699 10.62 -2.50 -8.63
C GLU A 699 9.90 -3.37 -9.65
N PHE A 700 8.59 -3.55 -9.45
CA PHE A 700 7.77 -4.35 -10.35
C PHE A 700 7.42 -3.61 -11.64
N SER A 701 7.42 -2.27 -11.62
CA SER A 701 7.15 -1.52 -12.83
C SER A 701 8.22 -1.79 -13.89
N SER A 702 9.48 -1.91 -13.45
CA SER A 702 10.55 -2.27 -14.38
C SER A 702 10.32 -3.67 -14.96
N ILE A 703 9.88 -4.61 -14.13
CA ILE A 703 9.65 -5.97 -14.59
C ILE A 703 8.52 -6.01 -15.62
N TYR A 704 7.45 -5.27 -15.35
CA TYR A 704 6.28 -5.28 -16.24
C TYR A 704 6.66 -4.78 -17.63
N HIS A 705 7.40 -3.67 -17.70
CA HIS A 705 7.79 -3.14 -19.00
C HIS A 705 8.90 -3.97 -19.63
N ALA A 706 9.79 -4.55 -18.83
CA ALA A 706 10.88 -5.34 -19.38
C ALA A 706 10.35 -6.56 -20.13
N VAL A 707 9.40 -7.27 -19.53
CA VAL A 707 8.81 -8.43 -20.20
C VAL A 707 8.00 -7.99 -21.42
N HIS A 708 7.25 -6.89 -21.30
CA HIS A 708 6.47 -6.40 -22.44
C HIS A 708 7.37 -6.02 -23.60
N ASN A 709 8.47 -5.31 -23.31
CA ASN A 709 9.43 -4.97 -24.35
C ASN A 709 10.13 -6.23 -24.88
N PHE A 710 10.41 -7.19 -24.00
CA PHE A 710 11.12 -8.40 -24.40
C PHE A 710 10.30 -9.24 -25.38
N CYS A 711 8.98 -9.08 -25.40
CA CYS A 711 8.11 -9.87 -26.25
C CYS A 711 7.57 -9.10 -27.45
N THR A 712 7.08 -7.88 -27.23
CA THR A 712 6.36 -7.17 -28.29
C THR A 712 7.25 -6.87 -29.48
N ILE A 713 8.49 -6.43 -29.24
CA ILE A 713 9.38 -5.98 -30.29
C ILE A 713 10.58 -6.92 -30.46
N ASP A 714 11.16 -7.38 -29.35
CA ASP A 714 12.39 -8.16 -29.43
C ASP A 714 12.15 -9.58 -29.90
N MET A 715 11.06 -10.22 -29.45
CA MET A 715 10.83 -11.63 -29.73
C MET A 715 9.76 -11.85 -30.78
N SER A 716 8.54 -11.31 -30.57
CA SER A 716 7.46 -11.55 -31.51
C SER A 716 7.74 -10.90 -32.86
N SER A 717 8.31 -9.71 -32.87
CA SER A 717 8.48 -8.95 -34.10
C SER A 717 9.84 -9.17 -34.76
N PHE A 718 10.83 -9.70 -34.04
CA PHE A 718 12.17 -9.86 -34.59
C PHE A 718 12.59 -11.32 -34.71
N TYR A 719 12.62 -12.06 -33.60
CA TYR A 719 13.15 -13.42 -33.64
C TYR A 719 12.09 -14.43 -34.05
N LEU A 720 10.89 -14.36 -33.45
CA LEU A 720 9.82 -15.26 -33.86
C LEU A 720 9.31 -14.92 -35.25
N ASP A 721 9.42 -13.66 -35.66
CA ASP A 721 9.00 -13.27 -37.00
C ASP A 721 9.83 -13.97 -38.07
N PHE A 722 11.15 -14.08 -37.85
CA PHE A 722 12.00 -14.79 -38.80
C PHE A 722 11.69 -16.29 -38.78
N ALA A 723 11.61 -16.88 -37.59
CA ALA A 723 11.38 -18.30 -37.45
C ALA A 723 9.95 -18.71 -37.77
N LYS A 724 9.05 -17.73 -37.94
CA LYS A 724 7.68 -18.04 -38.37
C LYS A 724 7.63 -18.66 -39.76
N ASP A 725 8.70 -18.52 -40.56
CA ASP A 725 8.74 -19.11 -41.89
C ASP A 725 9.92 -20.03 -42.12
N VAL A 726 10.74 -20.32 -41.10
CA VAL A 726 11.96 -21.09 -41.27
C VAL A 726 11.93 -22.39 -40.48
N LEU A 727 11.37 -22.37 -39.27
CA LEU A 727 11.52 -23.50 -38.34
C LEU A 727 10.94 -24.79 -38.93
N TYR A 728 9.69 -24.74 -39.38
CA TYR A 728 9.03 -25.96 -39.84
C TYR A 728 9.47 -26.38 -41.23
N ILE A 729 9.78 -25.41 -42.11
CA ILE A 729 10.08 -25.74 -43.50
C ILE A 729 11.31 -26.63 -43.59
N GLU A 730 12.31 -26.38 -42.76
CA GLU A 730 13.53 -27.18 -42.77
C GLU A 730 13.27 -28.52 -42.09
N ALA A 731 14.33 -29.31 -41.91
CA ALA A 731 14.19 -30.65 -41.35
C ALA A 731 13.82 -30.58 -39.87
N GLU A 732 13.23 -31.67 -39.37
CA GLU A 732 12.88 -31.77 -37.97
C GLU A 732 14.07 -32.13 -37.08
N ASN A 733 15.21 -32.48 -37.68
CA ASN A 733 16.44 -32.66 -36.93
C ASN A 733 17.54 -31.74 -37.43
N ASN A 734 17.21 -30.77 -38.28
CA ASN A 734 18.18 -29.79 -38.73
C ASN A 734 18.74 -29.01 -37.54
N VAL A 735 20.07 -28.82 -37.55
CA VAL A 735 20.73 -28.14 -36.43
C VAL A 735 20.21 -26.72 -36.30
N GLU A 736 19.95 -26.04 -37.42
CA GLU A 736 19.41 -24.69 -37.37
C GLU A 736 18.06 -24.66 -36.65
N ARG A 737 17.13 -25.51 -37.07
CA ARG A 737 15.81 -25.55 -36.44
C ARG A 737 15.91 -26.05 -35.00
N ARG A 738 16.82 -26.99 -34.73
CA ARG A 738 17.01 -27.44 -33.35
C ARG A 738 17.65 -26.36 -32.50
N SER A 739 18.61 -25.61 -33.05
CA SER A 739 19.25 -24.54 -32.29
C SER A 739 18.25 -23.45 -31.94
N ILE A 740 17.38 -23.08 -32.88
CA ILE A 740 16.35 -22.08 -32.60
C ILE A 740 15.40 -22.59 -31.53
N GLN A 741 15.02 -23.87 -31.61
CA GLN A 741 14.13 -24.46 -30.61
C GLN A 741 14.77 -24.50 -29.23
N THR A 742 16.06 -24.82 -29.16
CA THR A 742 16.75 -24.83 -27.87
C THR A 742 16.70 -23.45 -27.21
N VAL A 743 16.79 -22.39 -28.02
CA VAL A 743 16.59 -21.05 -27.50
C VAL A 743 15.16 -20.88 -26.99
N LEU A 744 14.19 -21.30 -27.80
CA LEU A 744 12.79 -21.18 -27.40
C LEU A 744 12.48 -22.02 -26.17
N TYR A 745 13.06 -23.23 -26.09
CA TYR A 745 12.85 -24.07 -24.92
C TYR A 745 13.43 -23.42 -23.67
N GLU A 746 14.65 -22.89 -23.76
CA GLU A 746 15.27 -22.26 -22.60
C GLU A 746 14.51 -21.00 -22.19
N THR A 747 14.05 -20.20 -23.16
CA THR A 747 13.24 -19.04 -22.83
C THR A 747 11.92 -19.47 -22.19
N LEU A 748 11.30 -20.52 -22.73
CA LEU A 748 10.03 -21.00 -22.17
C LEU A 748 10.21 -21.45 -20.73
N LEU A 749 11.25 -22.23 -20.46
CA LEU A 749 11.50 -22.69 -19.09
C LEU A 749 11.85 -21.52 -18.18
N SER A 750 12.73 -20.62 -18.64
CA SER A 750 13.16 -19.51 -17.78
C SER A 750 12.04 -18.51 -17.56
N LEU A 751 11.35 -18.11 -18.64
CA LEU A 751 10.32 -17.09 -18.50
C LEU A 751 9.16 -17.58 -17.63
N THR A 752 8.77 -18.85 -17.80
CA THR A 752 7.71 -19.40 -16.96
C THR A 752 8.09 -19.35 -15.49
N LYS A 753 9.35 -19.66 -15.17
CA LYS A 753 9.81 -19.55 -13.80
C LYS A 753 9.93 -18.09 -13.35
N LEU A 754 10.20 -17.18 -14.29
CA LEU A 754 10.31 -15.77 -13.94
C LEU A 754 8.95 -15.18 -13.57
N VAL A 755 7.92 -15.45 -14.38
CA VAL A 755 6.60 -14.85 -14.19
C VAL A 755 5.84 -15.47 -13.03
N SER A 756 6.31 -16.59 -12.48
CA SER A 756 5.58 -17.33 -11.46
C SER A 756 5.11 -16.47 -10.29
N PRO A 757 5.92 -15.58 -9.71
CA PRO A 757 5.37 -14.73 -8.63
C PRO A 757 4.31 -13.77 -9.09
N ILE A 758 4.46 -13.15 -10.26
CA ILE A 758 3.51 -12.15 -10.72
C ILE A 758 2.23 -12.81 -11.21
N LEU A 759 2.35 -13.64 -12.24
CA LEU A 759 1.23 -14.41 -12.76
C LEU A 759 1.45 -15.88 -12.42
N SER A 760 0.44 -16.51 -11.83
CA SER A 760 0.54 -17.91 -11.46
C SER A 760 -0.49 -18.79 -12.15
N HIS A 761 -1.68 -18.28 -12.45
CA HIS A 761 -2.67 -19.06 -13.17
C HIS A 761 -2.19 -19.36 -14.60
N THR A 762 -1.67 -18.34 -15.29
CA THR A 762 -1.14 -18.54 -16.63
C THR A 762 0.23 -19.23 -16.59
N ALA A 763 1.02 -18.98 -15.54
CA ALA A 763 2.32 -19.62 -15.44
C ALA A 763 2.19 -21.13 -15.31
N ASP A 764 1.27 -21.60 -14.47
CA ASP A 764 1.06 -23.03 -14.34
C ASP A 764 0.33 -23.60 -15.55
N GLU A 765 -0.52 -22.81 -16.19
CA GLU A 765 -1.15 -23.26 -17.44
C GLU A 765 -0.12 -23.51 -18.52
N VAL A 766 0.86 -22.62 -18.65
CA VAL A 766 1.98 -22.85 -19.57
C VAL A 766 2.87 -23.97 -19.06
N TRP A 767 3.07 -24.03 -17.73
CA TRP A 767 3.89 -25.09 -17.14
C TRP A 767 3.35 -26.48 -17.44
N VAL A 768 2.04 -26.61 -17.69
CA VAL A 768 1.48 -27.88 -18.10
C VAL A 768 2.10 -28.31 -19.43
N HIS A 769 2.23 -27.38 -20.37
CA HIS A 769 2.78 -27.67 -21.69
C HIS A 769 4.31 -27.50 -21.69
N ILE A 770 4.95 -28.28 -20.84
CA ILE A 770 6.41 -28.29 -20.71
C ILE A 770 6.88 -29.71 -20.97
N PRO A 771 7.83 -29.92 -21.89
CA PRO A 771 8.30 -31.29 -22.16
C PRO A 771 8.89 -31.99 -20.96
N ASN A 772 9.59 -31.26 -20.10
CA ASN A 772 10.28 -31.82 -18.94
C ASN A 772 9.62 -31.27 -17.68
N VAL A 773 8.74 -32.06 -17.07
CA VAL A 773 8.02 -31.67 -15.87
C VAL A 773 8.50 -32.58 -14.75
N THR A 774 9.46 -32.11 -13.97
CA THR A 774 9.93 -32.85 -12.80
C THR A 774 9.24 -32.41 -11.52
N GLU A 775 8.62 -31.23 -11.52
CA GLU A 775 7.85 -30.72 -10.39
C GLU A 775 6.44 -30.41 -10.86
N GLU A 776 5.47 -30.61 -9.95
CA GLU A 776 4.06 -30.53 -10.34
C GLU A 776 3.70 -29.16 -10.87
N SER A 777 4.17 -28.09 -10.23
CA SER A 777 3.85 -26.73 -10.63
C SER A 777 5.13 -25.91 -10.73
N VAL A 778 5.03 -24.78 -11.42
CA VAL A 778 6.16 -23.86 -11.55
C VAL A 778 6.58 -23.30 -10.20
N GLN A 779 5.67 -23.26 -9.23
CA GLN A 779 5.99 -22.72 -7.92
C GLN A 779 6.87 -23.63 -7.09
N LEU A 780 7.16 -24.85 -7.56
CA LEU A 780 8.00 -25.78 -6.84
C LEU A 780 9.47 -25.73 -7.23
N VAL A 781 9.81 -25.08 -8.35
CA VAL A 781 11.19 -24.93 -8.76
C VAL A 781 11.69 -23.56 -8.34
N ASP A 782 13.01 -23.40 -8.32
CA ASP A 782 13.63 -22.13 -7.99
C ASP A 782 13.66 -21.21 -9.21
N MET A 783 13.99 -19.96 -8.97
CA MET A 783 14.16 -19.00 -10.05
C MET A 783 15.36 -19.39 -10.92
N PRO A 784 15.30 -19.13 -12.22
CA PRO A 784 16.44 -19.45 -13.10
C PRO A 784 17.65 -18.61 -12.70
N GLU A 785 18.77 -19.28 -12.45
CA GLU A 785 20.00 -18.56 -12.12
C GLU A 785 20.72 -18.15 -13.39
N VAL A 786 21.32 -16.96 -13.37
CA VAL A 786 21.95 -16.41 -14.55
C VAL A 786 23.25 -17.16 -14.85
N GLN A 787 23.48 -17.44 -16.13
CA GLN A 787 24.70 -18.08 -16.58
C GLN A 787 25.41 -17.18 -17.59
N GLU A 788 26.73 -17.07 -17.45
CA GLU A 788 27.52 -16.25 -18.36
C GLU A 788 27.61 -16.90 -19.74
N ILE A 789 27.69 -16.06 -20.76
CA ILE A 789 27.82 -16.50 -22.14
C ILE A 789 29.13 -15.95 -22.69
N GLU A 790 29.93 -16.82 -23.29
CA GLU A 790 31.25 -16.43 -23.79
C GLU A 790 31.11 -15.48 -24.97
N GLY A 791 31.96 -14.45 -24.99
CA GLY A 791 31.92 -13.46 -26.05
C GLY A 791 30.62 -12.70 -26.13
N ALA A 792 29.96 -12.47 -24.99
CA ALA A 792 28.65 -11.83 -25.00
C ALA A 792 28.76 -10.37 -25.44
N ASP A 793 29.72 -9.64 -24.88
CA ASP A 793 29.82 -8.21 -25.14
C ASP A 793 30.08 -7.93 -26.62
N GLN A 794 30.95 -8.71 -27.26
CA GLN A 794 31.20 -8.54 -28.69
C GLN A 794 29.93 -8.81 -29.49
N LEU A 795 29.26 -9.92 -29.21
CA LEU A 795 28.04 -10.25 -29.94
C LEU A 795 26.94 -9.24 -29.67
N VAL A 796 26.85 -8.73 -28.44
CA VAL A 796 25.83 -7.74 -28.12
C VAL A 796 25.99 -6.50 -29.00
N GLU A 797 27.23 -6.03 -29.16
CA GLU A 797 27.45 -4.88 -30.03
C GLU A 797 27.14 -5.22 -31.48
N LYS A 798 27.55 -6.39 -31.95
CA LYS A 798 27.34 -6.77 -33.35
C LYS A 798 25.85 -6.91 -33.66
N TRP A 799 25.13 -7.66 -32.84
CA TRP A 799 23.76 -8.01 -33.18
C TRP A 799 22.77 -6.91 -32.85
N ASP A 800 23.06 -6.07 -31.84
CA ASP A 800 22.23 -4.89 -31.62
C ASP A 800 22.28 -3.96 -32.82
N ALA A 801 23.48 -3.79 -33.40
CA ALA A 801 23.58 -3.07 -34.67
C ALA A 801 22.85 -3.83 -35.77
N PHE A 802 22.96 -5.17 -35.76
CA PHE A 802 22.21 -5.97 -36.73
C PHE A 802 20.70 -5.83 -36.53
N MET A 803 20.25 -5.82 -35.28
CA MET A 803 18.85 -5.55 -34.99
C MET A 803 18.45 -4.17 -35.50
N GLU A 804 19.34 -3.18 -35.31
CA GLU A 804 19.08 -1.85 -35.84
C GLU A 804 18.96 -1.88 -37.35
N LEU A 805 19.88 -2.58 -38.02
CA LEU A 805 19.87 -2.64 -39.49
C LEU A 805 18.62 -3.35 -40.01
N ARG A 806 18.19 -4.40 -39.32
CA ARG A 806 17.02 -5.14 -39.77
C ARG A 806 15.77 -4.27 -39.77
N ASP A 807 15.60 -3.45 -38.72
CA ASP A 807 14.44 -2.57 -38.66
C ASP A 807 14.43 -1.57 -39.80
N GLU A 808 15.60 -1.14 -40.26
CA GLU A 808 15.66 -0.27 -41.43
C GLU A 808 15.29 -1.03 -42.70
N VAL A 809 15.71 -2.29 -42.79
CA VAL A 809 15.29 -3.13 -43.91
C VAL A 809 13.77 -3.33 -43.87
N LEU A 810 13.22 -3.59 -42.68
CA LEU A 810 11.78 -3.76 -42.55
C LEU A 810 11.03 -2.49 -42.95
N LYS A 811 11.55 -1.33 -42.54
CA LYS A 811 10.93 -0.07 -42.93
C LYS A 811 10.97 0.11 -44.45
N ALA A 812 12.07 -0.31 -45.07
CA ALA A 812 12.12 -0.33 -46.54
C ALA A 812 11.09 -1.30 -47.11
N LEU A 813 10.91 -2.45 -46.45
CA LEU A 813 9.86 -3.37 -46.87
C LEU A 813 8.47 -2.76 -46.66
N GLU A 814 8.29 -2.05 -45.54
CA GLU A 814 7.02 -1.36 -45.31
C GLU A 814 6.84 -0.21 -46.29
N GLN A 815 7.93 0.40 -46.74
CA GLN A 815 7.84 1.37 -47.83
C GLN A 815 7.35 0.70 -49.11
N ALA A 816 7.83 -0.53 -49.36
CA ALA A 816 7.29 -1.32 -50.47
C ALA A 816 5.84 -1.70 -50.22
N ARG A 817 5.47 -1.98 -48.96
CA ARG A 817 4.08 -2.25 -48.64
C ARG A 817 3.21 -1.03 -48.86
N ASN A 818 3.76 0.17 -48.67
CA ASN A 818 3.03 1.37 -49.04
C ASN A 818 2.72 1.39 -50.53
N GLU A 819 3.68 0.98 -51.36
CA GLU A 819 3.39 0.76 -52.77
C GLU A 819 2.44 -0.41 -52.94
N LYS A 820 2.57 -1.44 -52.12
CA LYS A 820 1.73 -2.63 -52.11
C LYS A 820 1.79 -3.42 -53.41
N VAL A 821 2.78 -3.15 -54.26
CA VAL A 821 2.93 -3.90 -55.51
C VAL A 821 3.37 -5.33 -55.21
N ILE A 822 4.54 -5.47 -54.60
CA ILE A 822 4.99 -6.79 -54.16
C ILE A 822 4.15 -7.25 -52.97
N GLY A 823 3.97 -6.38 -51.98
CA GLY A 823 3.15 -6.68 -50.84
C GLY A 823 3.57 -7.89 -50.04
N LYS A 824 4.85 -8.24 -50.08
CA LYS A 824 5.34 -9.44 -49.43
C LYS A 824 6.83 -9.31 -49.18
N SER A 825 7.27 -9.64 -47.96
CA SER A 825 8.69 -9.58 -47.65
C SER A 825 9.45 -10.72 -48.31
N LEU A 826 8.87 -11.92 -48.30
CA LEU A 826 9.57 -13.09 -48.84
C LEU A 826 9.67 -13.03 -50.35
N GLU A 827 8.62 -12.53 -51.03
CA GLU A 827 8.62 -12.47 -52.48
C GLU A 827 9.48 -11.34 -53.04
N ALA A 828 10.22 -10.62 -52.20
CA ALA A 828 10.98 -9.46 -52.62
C ALA A 828 12.48 -9.78 -52.62
N LYS A 829 13.12 -9.56 -53.76
CA LYS A 829 14.57 -9.62 -53.82
C LYS A 829 15.15 -8.26 -53.42
N LEU A 830 16.41 -8.27 -52.99
CA LEU A 830 17.06 -7.07 -52.50
C LEU A 830 18.40 -6.85 -53.18
N THR A 831 18.67 -5.58 -53.50
CA THR A 831 19.98 -5.13 -53.96
C THR A 831 20.40 -4.01 -53.02
N LEU A 832 21.45 -4.26 -52.23
CA LEU A 832 21.83 -3.38 -51.13
C LEU A 832 23.12 -2.65 -51.47
N TYR A 833 23.14 -1.34 -51.21
CA TYR A 833 24.31 -0.49 -51.37
C TYR A 833 24.68 0.04 -49.98
N PRO A 834 25.50 -0.68 -49.23
CA PRO A 834 25.72 -0.32 -47.83
C PRO A 834 26.89 0.63 -47.61
N THR A 835 26.86 1.27 -46.45
CA THR A 835 28.02 2.01 -45.96
C THR A 835 29.12 1.02 -45.59
N ALA A 836 30.37 1.51 -45.64
CA ALA A 836 31.51 0.66 -45.29
C ALA A 836 31.34 0.03 -43.91
N ASP A 837 30.79 0.80 -42.96
CA ASP A 837 30.47 0.22 -41.66
C ASP A 837 29.39 -0.84 -41.78
N THR A 838 28.34 -0.57 -42.56
CA THR A 838 27.30 -1.57 -42.78
C THR A 838 27.85 -2.76 -43.54
N LYS A 839 28.68 -2.52 -44.56
CA LYS A 839 29.26 -3.62 -45.33
C LYS A 839 30.16 -4.47 -44.44
N GLU A 840 30.88 -3.84 -43.51
CA GLU A 840 31.71 -4.60 -42.58
C GLU A 840 30.86 -5.51 -41.69
N LEU A 841 29.72 -4.99 -41.21
CA LEU A 841 28.83 -5.82 -40.40
C LEU A 841 28.24 -6.96 -41.21
N LEU A 842 27.85 -6.68 -42.47
CA LEU A 842 27.35 -7.74 -43.34
C LEU A 842 28.42 -8.79 -43.60
N ALA A 843 29.68 -8.36 -43.75
CA ALA A 843 30.78 -9.30 -43.91
C ALA A 843 30.93 -10.19 -42.68
N SER A 844 30.77 -9.61 -41.49
CA SER A 844 30.86 -10.38 -40.25
C SER A 844 29.71 -11.36 -40.08
N ILE A 845 28.65 -11.24 -40.88
CA ILE A 845 27.51 -12.16 -40.78
C ILE A 845 27.94 -13.50 -41.35
N SER A 846 28.12 -14.49 -40.46
CA SER A 846 28.40 -15.86 -40.87
C SER A 846 27.13 -16.65 -41.12
N GLU A 847 25.97 -16.06 -40.90
CA GLU A 847 24.68 -16.70 -41.14
C GLU A 847 24.12 -16.27 -42.49
N ASN A 848 22.91 -16.73 -42.78
CA ASN A 848 22.23 -16.42 -44.03
C ASN A 848 21.45 -15.11 -43.85
N VAL A 849 21.91 -14.04 -44.49
CA VAL A 849 21.24 -12.75 -44.36
C VAL A 849 19.85 -12.81 -45.00
N GLY A 850 19.68 -13.61 -46.05
CA GLY A 850 18.39 -13.69 -46.70
C GLY A 850 17.30 -14.25 -45.80
N GLN A 851 17.62 -15.31 -45.04
CA GLN A 851 16.63 -15.88 -44.14
C GLN A 851 16.39 -14.99 -42.93
N LEU A 852 17.40 -14.20 -42.52
CA LEU A 852 17.22 -13.28 -41.41
C LEU A 852 16.29 -12.14 -41.80
N PHE A 853 16.46 -11.59 -43.01
CA PHE A 853 15.61 -10.54 -43.52
C PHE A 853 14.36 -11.07 -44.20
N ILE A 854 14.10 -12.37 -44.09
CA ILE A 854 12.99 -13.10 -44.70
C ILE A 854 12.75 -12.60 -46.13
N VAL A 855 13.83 -12.49 -46.90
CA VAL A 855 13.76 -12.12 -48.31
C VAL A 855 14.24 -13.30 -49.14
N SER A 856 13.77 -13.34 -50.39
CA SER A 856 14.12 -14.44 -51.27
C SER A 856 15.61 -14.46 -51.59
N ASP A 857 16.15 -13.33 -52.02
CA ASP A 857 17.56 -13.24 -52.34
C ASP A 857 18.07 -11.84 -52.02
N LEU A 858 19.36 -11.74 -51.72
CA LEU A 858 19.99 -10.47 -51.40
C LEU A 858 21.35 -10.39 -52.07
N GLU A 859 21.60 -9.29 -52.77
CA GLU A 859 22.89 -9.02 -53.37
C GLU A 859 23.41 -7.67 -52.86
N VAL A 860 24.72 -7.59 -52.68
CA VAL A 860 25.37 -6.40 -52.13
C VAL A 860 26.36 -5.88 -53.16
N ALA A 861 26.20 -4.62 -53.54
CA ALA A 861 27.11 -3.97 -54.48
C ALA A 861 27.19 -2.49 -54.13
N GLU A 862 28.29 -1.87 -54.57
CA GLU A 862 28.50 -0.44 -54.34
C GLU A 862 28.01 0.37 -55.55
N GLY A 863 26.74 0.15 -55.89
CA GLY A 863 26.16 0.84 -57.04
C GLY A 863 26.19 2.35 -56.89
N GLU A 864 25.86 2.86 -55.70
CA GLU A 864 25.92 4.28 -55.39
C GLU A 864 25.05 5.10 -56.33
N ALA A 865 23.99 4.49 -56.87
CA ALA A 865 23.04 5.19 -57.73
C ALA A 865 21.72 5.27 -57.00
N PRO A 866 21.40 6.37 -56.33
CA PRO A 866 20.16 6.43 -55.54
C PRO A 866 18.90 6.28 -56.36
N ALA A 867 18.90 6.77 -57.61
CA ALA A 867 17.69 6.86 -58.41
C ALA A 867 16.60 7.57 -57.63
N GLU A 868 15.50 6.87 -57.36
CA GLU A 868 14.42 7.41 -56.53
C GLU A 868 13.85 6.33 -55.61
N ALA A 869 14.70 5.43 -55.11
CA ALA A 869 14.15 4.34 -54.31
C ALA A 869 14.19 4.65 -52.81
N GLN A 870 15.38 4.70 -52.22
CA GLN A 870 15.56 4.95 -50.78
C GLN A 870 17.05 4.96 -50.46
N LYS A 871 17.38 5.51 -49.30
CA LYS A 871 18.73 5.38 -48.74
C LYS A 871 18.66 5.60 -47.24
N PHE A 872 18.85 4.53 -46.47
CA PHE A 872 18.99 4.67 -45.02
C PHE A 872 20.32 5.34 -44.70
N SER A 873 20.40 5.91 -43.50
CA SER A 873 21.63 6.58 -43.05
C SER A 873 22.84 5.66 -43.06
N TYR A 874 22.66 4.35 -43.26
CA TYR A 874 23.78 3.43 -43.33
C TYR A 874 23.77 2.54 -44.57
N ALA A 875 22.80 2.69 -45.47
CA ALA A 875 22.75 1.85 -46.66
C ALA A 875 21.76 2.44 -47.66
N SER A 876 22.01 2.20 -48.94
CA SER A 876 21.05 2.46 -50.01
C SER A 876 20.45 1.13 -50.44
N ILE A 877 19.12 1.10 -50.57
CA ILE A 877 18.40 -0.16 -50.75
C ILE A 877 17.61 -0.14 -52.04
N VAL A 878 17.47 -1.31 -52.65
CA VAL A 878 16.61 -1.52 -53.80
C VAL A 878 15.78 -2.78 -53.54
N VAL A 879 14.47 -2.63 -53.48
CA VAL A 879 13.56 -3.76 -53.34
C VAL A 879 13.10 -4.16 -54.74
N SER A 880 13.56 -5.32 -55.19
CA SER A 880 13.34 -5.75 -56.57
C SER A 880 12.56 -7.05 -56.60
N LYS A 881 11.85 -7.26 -57.71
CA LYS A 881 11.14 -8.52 -57.94
C LYS A 881 12.08 -9.53 -58.57
N ALA A 882 11.92 -10.80 -58.19
CA ALA A 882 12.85 -11.84 -58.60
C ALA A 882 12.50 -12.47 -59.95
N GLU A 883 11.21 -12.64 -60.24
CA GLU A 883 10.67 -13.17 -61.49
C GLU A 883 10.93 -14.66 -61.70
N GLY A 884 11.44 -15.36 -60.70
CA GLY A 884 11.56 -16.80 -60.76
C GLY A 884 10.23 -17.47 -60.48
N GLU A 885 10.29 -18.80 -60.38
CA GLU A 885 9.09 -19.58 -60.07
C GLU A 885 8.87 -19.62 -58.56
N LYS A 886 7.64 -19.32 -58.14
CA LYS A 886 7.28 -19.35 -56.73
C LYS A 886 7.11 -20.80 -56.29
N CYS A 887 7.84 -21.20 -55.25
CA CYS A 887 7.67 -22.53 -54.69
C CYS A 887 6.32 -22.65 -54.02
N GLU A 888 5.63 -23.77 -54.29
CA GLU A 888 4.32 -24.00 -53.70
C GLU A 888 4.37 -24.38 -52.23
N ARG A 889 5.56 -24.63 -51.68
CA ARG A 889 5.73 -25.05 -50.31
C ARG A 889 6.26 -23.95 -49.41
N CYS A 890 7.39 -23.33 -49.76
CA CYS A 890 7.98 -22.27 -48.96
C CYS A 890 7.63 -20.87 -49.47
N TRP A 891 6.96 -20.76 -50.60
CA TRP A 891 6.55 -19.48 -51.21
C TRP A 891 7.74 -18.60 -51.59
N VAL A 892 8.96 -19.14 -51.60
CA VAL A 892 10.14 -18.38 -52.01
C VAL A 892 10.25 -18.43 -53.52
N VAL A 893 10.48 -17.27 -54.12
CA VAL A 893 10.67 -17.17 -55.57
C VAL A 893 12.11 -17.58 -55.89
N SER A 894 12.27 -18.76 -56.49
CA SER A 894 13.59 -19.31 -56.73
C SER A 894 13.71 -19.85 -58.15
N PRO A 895 14.86 -19.65 -58.81
CA PRO A 895 15.07 -20.28 -60.12
C PRO A 895 15.18 -21.79 -60.07
N THR A 896 15.41 -22.37 -58.88
CA THR A 896 15.61 -23.81 -58.76
C THR A 896 14.31 -24.59 -58.88
N VAL A 897 13.15 -23.92 -58.90
CA VAL A 897 11.88 -24.62 -59.05
C VAL A 897 11.80 -25.21 -60.45
N GLY A 898 11.52 -26.51 -60.52
CA GLY A 898 11.52 -27.24 -61.77
C GLY A 898 12.74 -28.10 -62.00
N GLU A 899 13.78 -27.96 -61.18
CA GLU A 899 14.98 -28.79 -61.31
C GLU A 899 14.74 -30.21 -60.83
N ASP A 900 13.78 -30.41 -59.93
CA ASP A 900 13.48 -31.74 -59.41
C ASP A 900 12.37 -32.37 -60.25
N GLN A 901 12.64 -33.55 -60.80
CA GLN A 901 11.66 -34.21 -61.66
C GLN A 901 10.45 -34.68 -60.87
N ASP A 902 10.67 -35.19 -59.65
CA ASP A 902 9.56 -35.70 -58.85
C ASP A 902 8.69 -34.57 -58.31
N HIS A 903 9.29 -33.42 -58.01
CA HIS A 903 8.56 -32.26 -57.49
C HIS A 903 8.91 -31.04 -58.33
N PRO A 904 8.29 -30.91 -59.51
CA PRO A 904 8.64 -29.79 -60.40
C PRO A 904 8.17 -28.43 -59.91
N THR A 905 7.27 -28.38 -58.92
CA THR A 905 6.75 -27.12 -58.41
C THR A 905 7.44 -26.68 -57.13
N LEU A 906 8.49 -27.37 -56.71
CA LEU A 906 9.19 -27.07 -55.47
C LEU A 906 10.63 -26.66 -55.76
N CYS A 907 11.16 -25.78 -54.91
CA CYS A 907 12.56 -25.42 -54.99
C CYS A 907 13.44 -26.57 -54.51
N THR A 908 14.75 -26.40 -54.67
CA THR A 908 15.69 -27.44 -54.25
C THR A 908 15.61 -27.67 -52.74
N ARG A 909 15.45 -26.61 -51.97
CA ARG A 909 15.35 -26.75 -50.51
C ARG A 909 14.15 -27.59 -50.12
N CYS A 910 12.97 -27.27 -50.67
CA CYS A 910 11.76 -27.98 -50.30
C CYS A 910 11.72 -29.37 -50.91
N ALA A 911 12.25 -29.53 -52.12
CA ALA A 911 12.26 -30.84 -52.75
C ALA A 911 13.10 -31.83 -51.96
N ASP A 912 14.26 -31.39 -51.46
CA ASP A 912 15.12 -32.27 -50.68
C ASP A 912 14.45 -32.68 -49.37
N VAL A 913 13.77 -31.74 -48.71
CA VAL A 913 13.11 -32.06 -47.45
C VAL A 913 11.98 -33.07 -47.67
N VAL A 914 11.18 -32.87 -48.72
CA VAL A 914 10.05 -33.77 -48.97
C VAL A 914 10.53 -35.17 -49.30
N LYS A 915 11.54 -35.29 -50.17
CA LYS A 915 12.01 -36.60 -50.59
C LYS A 915 12.65 -37.37 -49.44
N ASN A 916 13.58 -36.75 -48.74
CA ASN A 916 14.37 -37.45 -47.73
C ASN A 916 13.63 -37.48 -46.39
N HIS A 917 13.98 -38.47 -45.57
CA HIS A 917 13.49 -38.58 -44.21
C HIS A 917 14.65 -39.02 -43.32
N TYR A 918 14.70 -38.44 -42.12
CA TYR A 918 15.82 -38.67 -41.23
C TYR A 918 15.94 -40.14 -40.84
N VAL A 919 15.00 -40.66 -40.06
CA VAL A 919 14.97 -42.08 -39.74
C VAL A 919 13.58 -42.65 -40.01
N GLN A 920 12.56 -41.80 -39.93
CA GLN A 920 11.18 -42.26 -39.91
C GLN A 920 10.32 -41.36 -40.79
N GLN A 921 9.10 -41.83 -41.04
CA GLN A 921 8.07 -41.08 -41.77
C GLN A 921 8.56 -40.65 -43.16
#